data_5HL9
#
_entry.id   5HL9
#
_cell.length_a   62.440
_cell.length_b   63.800
_cell.length_c   299.350
_cell.angle_alpha   90.00
_cell.angle_beta   90.00
_cell.angle_gamma   90.00
#
_symmetry.space_group_name_H-M   'P 2 21 21'
#
loop_
_entity.id
_entity.type
_entity.pdbx_description
1 polymer 'Penicillin-binding protein 1B'
2 non-polymer '(2R,4S)-2-[(1R)-1-{[(2R)-2-amino-2-phenylacetyl]amino}-2-oxoethyl]-5,5-dimethyl-1,3-thiazolidine-4-carboxylic acid'
3 non-polymer MOENOMYCIN
4 water water
#
_entity_poly.entity_id   1
_entity_poly.type   'polypeptide(L)'
_entity_poly.pdbx_seq_one_letter_code
;KPRGKRGWLWLLLKLAIVFAVLIAIYGVYLDQKIRSRIDGKVWQLPAAVYGRMVNLEPDMTISKNEMVKLLEATQYRQVS
KMTRPGEFTVQANSIEMIRRPFDFPDSKEGQVRARLTFDGDHLATIVNMENNRQFGFFRLDPRLITMISSPNGEQRLFVP
RSGFPDLLVDTLLATEDRHFYEHDGISLYSIGRAVLANLTAGRTVQGASTLTQQLVKNLFLSSERSYWRKANEAYMALIM
DARYSKDRILELYMNEVYLGQSGDNEIRGFPLASLYYFGRPVEELSLDQQALLVGMVKGASIYNPWRNPKLALERRNLVL
RLLQQQQIIDQELYDMLSARPLGVQPRGGVISPQPAFMQLVRQELQAKLGDKVKDLSGVKIFTTFDSVAQDAAEKAAVEG
IPALKKQRKLSDLETAIVVVDRFSGEVRAMVGGSEPQFAGYNRAMQARRSIGSLAKPATYLTALSQPKIYRLNTWIADAP
IALRQPNGQVWSPQNDDRRYSESGRVMLVDALTRSMNVPTVNLGMALGLPAVTETWIKLGVPKDQLHPVPAMLLGALNLT
PIEVAQAFQTIASGGNRAPLSALRSVIAEDGKVLYQSFPQAERAVPAQAAYLTLWTMQQVVQRGTGRQLGAKYPNLHLAG
KTGTTNNNVDTWFAGIDGSTVTITWVGRDNNQPTKLYGASGAMSIYQRYLANQTPTPLNLVPPEDIADMGVDYDGNFVCS
GGMRILPVWTSDPQSLCQQSEMQQQPS
;
_entity_poly.pdbx_strand_id   A
#
loop_
_chem_comp.id
_chem_comp.type
_chem_comp.name
_chem_comp.formula
AIX non-polymer '(2R,4S)-2-[(1R)-1-{[(2R)-2-amino-2-phenylacetyl]amino}-2-oxoethyl]-5,5-dimethyl-1,3-thiazolidine-4-carboxylic acid' 'C16 H21 N3 O4 S'
M0E non-polymer MOENOMYCIN 'C69 H106 N5 O34 P'
#
# COMPACT_ATOMS: atom_id res chain seq x y z
N LEU A 11 -66.80 -34.71 16.25
CA LEU A 11 -67.41 -33.85 15.24
C LEU A 11 -66.36 -33.43 14.19
N LEU A 12 -66.11 -32.10 14.00
CA LEU A 12 -65.09 -31.63 13.06
C LEU A 12 -63.69 -31.60 13.68
N LEU A 13 -63.55 -32.12 14.91
CA LEU A 13 -62.29 -32.25 15.64
C LEU A 13 -61.39 -33.26 14.94
N LYS A 14 -61.98 -34.09 14.04
CA LYS A 14 -61.31 -35.07 13.20
C LYS A 14 -60.61 -34.35 12.02
N LEU A 15 -60.92 -33.04 11.83
CA LEU A 15 -60.37 -32.16 10.81
C LEU A 15 -59.59 -31.01 11.48
N ALA A 16 -60.06 -30.56 12.66
CA ALA A 16 -59.48 -29.47 13.46
C ALA A 16 -58.12 -29.84 14.06
N ILE A 17 -58.11 -30.88 14.93
CA ILE A 17 -56.92 -31.37 15.63
C ILE A 17 -55.86 -31.98 14.69
N VAL A 18 -56.31 -32.61 13.57
CA VAL A 18 -55.39 -33.19 12.58
C VAL A 18 -54.64 -32.09 11.80
N PHE A 19 -55.25 -30.90 11.65
CA PHE A 19 -54.65 -29.74 10.98
C PHE A 19 -53.70 -28.98 11.92
N ALA A 20 -53.89 -29.15 13.24
CA ALA A 20 -53.04 -28.58 14.29
C ALA A 20 -51.76 -29.39 14.39
N VAL A 21 -51.88 -30.73 14.22
CA VAL A 21 -50.77 -31.69 14.26
C VAL A 21 -50.12 -31.87 12.85
N LEU A 22 -50.64 -31.12 11.84
CA LEU A 22 -50.14 -31.08 10.47
C LEU A 22 -49.14 -29.93 10.34
N ILE A 23 -49.49 -28.76 10.91
CA ILE A 23 -48.63 -27.56 10.92
C ILE A 23 -47.50 -27.71 11.95
N ALA A 24 -47.71 -28.62 12.93
CA ALA A 24 -46.76 -28.94 14.00
C ALA A 24 -45.51 -29.63 13.43
N ILE A 25 -45.70 -30.65 12.56
CA ILE A 25 -44.61 -31.38 11.89
C ILE A 25 -43.88 -30.51 10.87
N TYR A 26 -44.57 -29.48 10.34
CA TYR A 26 -44.01 -28.48 9.42
C TYR A 26 -43.09 -27.55 10.22
N GLY A 27 -43.43 -27.35 11.49
CA GLY A 27 -42.64 -26.57 12.44
C GLY A 27 -41.36 -27.27 12.83
N VAL A 28 -41.37 -28.63 12.81
CA VAL A 28 -40.22 -29.50 13.11
C VAL A 28 -39.23 -29.40 11.93
N TYR A 29 -39.77 -29.37 10.69
CA TYR A 29 -39.00 -29.22 9.44
C TYR A 29 -38.40 -27.80 9.38
N LEU A 30 -39.17 -26.80 9.86
CA LEU A 30 -38.75 -25.40 9.94
C LEU A 30 -37.68 -25.20 11.00
N ASP A 31 -37.82 -25.89 12.16
CA ASP A 31 -36.86 -25.86 13.28
C ASP A 31 -35.52 -26.46 12.80
N GLN A 32 -35.59 -27.59 12.06
CA GLN A 32 -34.43 -28.28 11.48
C GLN A 32 -33.70 -27.43 10.43
N LYS A 33 -34.45 -26.60 9.67
CA LYS A 33 -33.91 -25.71 8.64
C LYS A 33 -33.17 -24.52 9.28
N ILE A 34 -33.76 -23.93 10.33
CA ILE A 34 -33.20 -22.80 11.09
C ILE A 34 -31.96 -23.26 11.87
N ARG A 35 -32.04 -24.45 12.50
CA ARG A 35 -30.98 -25.08 13.28
C ARG A 35 -29.75 -25.40 12.43
N SER A 36 -29.92 -26.10 11.28
CA SER A 36 -28.82 -26.49 10.38
C SER A 36 -28.01 -25.31 9.81
N ARG A 37 -28.63 -24.14 9.64
CA ARG A 37 -27.96 -22.93 9.14
C ARG A 37 -27.11 -22.29 10.26
N ILE A 38 -27.74 -21.97 11.41
CA ILE A 38 -27.10 -21.34 12.56
C ILE A 38 -26.07 -22.23 13.24
N ASP A 39 -26.44 -23.50 13.54
CA ASP A 39 -25.52 -24.49 14.15
C ASP A 39 -24.55 -25.03 13.08
N GLY A 40 -23.79 -24.11 12.49
CA GLY A 40 -22.82 -24.35 11.44
C GLY A 40 -22.38 -23.03 10.83
N LYS A 41 -22.54 -22.90 9.50
CA LYS A 41 -22.16 -21.70 8.78
C LYS A 41 -23.41 -20.89 8.40
N VAL A 42 -23.50 -19.65 8.95
CA VAL A 42 -24.63 -18.76 8.68
C VAL A 42 -24.44 -18.11 7.30
N TRP A 43 -23.27 -17.47 7.06
CA TRP A 43 -22.94 -16.82 5.79
C TRP A 43 -21.49 -17.08 5.39
N GLN A 44 -21.20 -16.98 4.08
CA GLN A 44 -19.85 -17.10 3.54
C GLN A 44 -19.29 -15.66 3.60
N LEU A 45 -18.44 -15.40 4.60
CA LEU A 45 -17.84 -14.09 4.87
C LEU A 45 -16.60 -13.88 3.97
N PRO A 46 -16.57 -12.79 3.15
CA PRO A 46 -15.41 -12.59 2.26
C PRO A 46 -14.08 -12.33 3.00
N ALA A 47 -12.96 -12.55 2.29
CA ALA A 47 -11.62 -12.37 2.85
C ALA A 47 -11.27 -10.90 3.09
N ALA A 48 -11.01 -10.55 4.37
CA ALA A 48 -10.65 -9.19 4.77
C ALA A 48 -9.19 -8.90 4.44
N VAL A 49 -8.93 -7.78 3.74
CA VAL A 49 -7.56 -7.38 3.36
C VAL A 49 -7.11 -6.20 4.24
N TYR A 50 -6.03 -6.41 5.00
CA TYR A 50 -5.44 -5.43 5.91
C TYR A 50 -4.07 -4.97 5.40
N GLY A 51 -3.72 -3.73 5.74
CA GLY A 51 -2.44 -3.13 5.36
C GLY A 51 -1.32 -3.57 6.26
N ARG A 52 -0.22 -2.79 6.28
CA ARG A 52 0.95 -3.11 7.09
C ARG A 52 0.71 -2.87 8.59
N MET A 53 1.38 -3.65 9.43
CA MET A 53 1.25 -3.51 10.87
C MET A 53 2.51 -2.83 11.40
N VAL A 54 2.40 -1.56 11.76
CA VAL A 54 3.50 -0.75 12.27
C VAL A 54 3.63 -0.94 13.78
N ASN A 55 4.83 -1.24 14.25
CA ASN A 55 5.10 -1.33 15.69
C ASN A 55 6.06 -0.20 15.99
N LEU A 56 5.73 0.63 16.99
CA LEU A 56 6.50 1.80 17.39
C LEU A 56 7.34 1.46 18.59
N GLU A 57 8.61 1.89 18.60
CA GLU A 57 9.58 1.60 19.68
C GLU A 57 10.26 2.89 20.15
N PRO A 58 10.74 3.00 21.41
CA PRO A 58 11.44 4.24 21.82
C PRO A 58 12.74 4.41 21.04
N ASP A 59 13.07 5.67 20.68
CA ASP A 59 14.23 6.10 19.88
C ASP A 59 14.09 5.76 18.40
N MET A 60 12.84 5.65 17.93
CA MET A 60 12.48 5.37 16.54
C MET A 60 12.45 6.69 15.75
N THR A 61 13.07 6.71 14.57
CA THR A 61 13.12 7.87 13.69
C THR A 61 11.73 8.16 13.08
N ILE A 62 10.87 8.86 13.85
CA ILE A 62 9.50 9.28 13.51
C ILE A 62 9.12 10.56 14.27
N SER A 63 8.68 11.59 13.55
CA SER A 63 8.32 12.87 14.15
C SER A 63 6.83 12.94 14.52
N LYS A 64 6.46 13.93 15.35
CA LYS A 64 5.09 14.17 15.78
C LYS A 64 4.17 14.31 14.57
N ASN A 65 4.54 15.16 13.57
CA ASN A 65 3.76 15.42 12.36
C ASN A 65 3.60 14.18 11.49
N GLU A 66 4.69 13.39 11.37
CA GLU A 66 4.75 12.14 10.61
C GLU A 66 3.80 11.14 11.25
N MET A 67 3.75 11.14 12.61
CA MET A 67 2.86 10.30 13.42
C MET A 67 1.40 10.69 13.21
N VAL A 68 1.09 12.00 13.19
CA VAL A 68 -0.28 12.50 12.94
C VAL A 68 -0.77 11.95 11.59
N LYS A 69 0.06 12.09 10.52
CA LYS A 69 -0.19 11.59 9.17
C LYS A 69 -0.39 10.05 9.20
N LEU A 70 0.47 9.32 9.96
CA LEU A 70 0.38 7.86 10.12
C LEU A 70 -0.95 7.48 10.78
N LEU A 71 -1.33 8.18 11.86
CA LEU A 71 -2.58 7.94 12.56
C LEU A 71 -3.77 8.23 11.67
N GLU A 72 -3.75 9.40 10.98
CA GLU A 72 -4.81 9.81 10.04
C GLU A 72 -4.92 8.82 8.87
N ALA A 73 -3.78 8.25 8.43
CA ALA A 73 -3.77 7.27 7.34
C ALA A 73 -4.26 5.90 7.83
N THR A 74 -4.30 5.69 9.17
CA THR A 74 -4.77 4.46 9.81
C THR A 74 -6.24 4.63 10.27
N GLN A 75 -6.94 5.63 9.72
CA GLN A 75 -8.35 5.93 10.00
C GLN A 75 -8.64 6.43 11.45
N TYR A 76 -7.69 7.21 12.01
CA TYR A 76 -7.79 7.83 13.33
C TYR A 76 -8.27 9.25 13.16
N ARG A 77 -8.98 9.80 14.17
CA ARG A 77 -9.52 11.15 14.09
C ARG A 77 -8.91 12.06 15.15
N GLN A 78 -8.35 13.20 14.71
CA GLN A 78 -7.76 14.18 15.61
C GLN A 78 -8.85 14.97 16.31
N VAL A 79 -8.86 14.86 17.64
CA VAL A 79 -9.84 15.52 18.52
C VAL A 79 -9.15 16.39 19.59
N SER A 80 -9.94 17.12 20.40
CA SER A 80 -9.49 17.96 21.51
C SER A 80 -9.61 17.17 22.84
N LYS A 81 -10.70 16.39 22.99
CA LYS A 81 -10.96 15.54 24.16
C LYS A 81 -11.22 14.11 23.73
N MET A 82 -10.36 13.20 24.19
CA MET A 82 -10.41 11.77 23.89
C MET A 82 -11.52 11.06 24.67
N THR A 83 -12.50 10.47 23.95
CA THR A 83 -13.62 9.75 24.57
C THR A 83 -13.68 8.28 24.13
N ARG A 84 -13.74 8.04 22.80
CA ARG A 84 -13.85 6.71 22.18
C ARG A 84 -12.56 6.26 21.43
N PRO A 85 -12.37 4.95 21.10
CA PRO A 85 -11.14 4.53 20.38
C PRO A 85 -11.04 5.09 18.97
N GLY A 86 -9.87 4.93 18.35
CA GLY A 86 -9.60 5.45 17.01
C GLY A 86 -9.55 6.96 16.97
N GLU A 87 -9.17 7.56 18.11
CA GLU A 87 -9.08 9.01 18.30
C GLU A 87 -7.71 9.40 18.86
N PHE A 88 -7.29 10.64 18.54
CA PHE A 88 -6.01 11.17 19.02
C PHE A 88 -6.01 12.67 19.25
N THR A 89 -5.18 13.12 20.20
CA THR A 89 -5.01 14.52 20.54
C THR A 89 -3.53 14.83 20.35
N VAL A 90 -3.22 16.01 19.80
CA VAL A 90 -1.83 16.43 19.57
C VAL A 90 -1.49 17.70 20.34
N GLN A 91 -0.39 17.64 21.10
CA GLN A 91 0.12 18.76 21.89
C GLN A 91 1.53 19.15 21.45
N ALA A 92 2.15 20.15 22.13
CA ALA A 92 3.47 20.71 21.82
C ALA A 92 4.52 19.72 21.31
N ASN A 93 4.96 18.78 22.17
CA ASN A 93 6.00 17.79 21.84
C ASN A 93 5.55 16.32 22.05
N SER A 94 4.22 16.05 22.06
CA SER A 94 3.66 14.71 22.28
C SER A 94 2.27 14.49 21.65
N ILE A 95 1.84 13.21 21.57
CA ILE A 95 0.52 12.80 21.04
C ILE A 95 -0.09 11.80 22.02
N GLU A 96 -1.40 11.88 22.25
CA GLU A 96 -2.14 10.96 23.10
C GLU A 96 -3.16 10.29 22.20
N MET A 97 -3.39 8.99 22.40
CA MET A 97 -4.30 8.24 21.55
C MET A 97 -4.94 7.05 22.25
N ILE A 98 -6.15 6.68 21.80
CA ILE A 98 -6.82 5.47 22.28
C ILE A 98 -6.69 4.53 21.11
N ARG A 99 -5.73 3.59 21.20
CA ARG A 99 -5.50 2.62 20.13
C ARG A 99 -6.67 1.63 20.11
N ARG A 100 -7.39 1.58 18.98
CA ARG A 100 -8.56 0.74 18.78
C ARG A 100 -8.28 -0.77 18.94
N PRO A 101 -9.24 -1.57 19.49
CA PRO A 101 -8.98 -3.00 19.65
C PRO A 101 -8.79 -3.69 18.30
N PHE A 102 -7.84 -4.64 18.25
CA PHE A 102 -7.55 -5.40 17.05
C PHE A 102 -7.08 -6.78 17.37
N ASP A 103 -7.57 -7.76 16.59
CA ASP A 103 -7.20 -9.16 16.70
C ASP A 103 -5.88 -9.35 15.91
N PHE A 104 -4.75 -8.96 16.56
CA PHE A 104 -3.41 -9.08 15.99
C PHE A 104 -3.01 -10.57 15.90
N PRO A 105 -2.27 -11.01 14.86
CA PRO A 105 -1.89 -12.42 14.76
C PRO A 105 -0.96 -12.90 15.89
N ASP A 106 -0.03 -12.02 16.33
CA ASP A 106 0.93 -12.31 17.40
C ASP A 106 0.27 -12.39 18.78
N SER A 107 -0.60 -11.39 19.12
CA SER A 107 -1.33 -11.31 20.39
C SER A 107 -2.59 -10.43 20.27
N LYS A 108 -3.77 -10.99 20.63
CA LYS A 108 -5.07 -10.30 20.60
C LYS A 108 -5.07 -9.16 21.64
N GLU A 109 -5.29 -7.94 21.17
CA GLU A 109 -5.27 -6.74 21.99
C GLU A 109 -6.59 -5.96 21.98
N GLY A 110 -6.83 -5.23 23.07
CA GLY A 110 -8.00 -4.38 23.23
C GLY A 110 -7.63 -2.91 23.12
N GLN A 111 -8.35 -2.07 23.88
CA GLN A 111 -8.13 -0.62 23.94
C GLN A 111 -6.92 -0.32 24.80
N VAL A 112 -6.20 0.79 24.46
CA VAL A 112 -5.03 1.26 25.21
C VAL A 112 -4.79 2.77 25.01
N ARG A 113 -4.73 3.51 26.12
CA ARG A 113 -4.49 4.95 26.13
C ARG A 113 -2.99 5.13 26.18
N ALA A 114 -2.40 5.67 25.10
CA ALA A 114 -0.95 5.84 25.02
C ALA A 114 -0.49 7.23 24.71
N ARG A 115 0.60 7.65 25.35
CA ARG A 115 1.21 8.95 25.08
C ARG A 115 2.55 8.75 24.38
N LEU A 116 2.62 9.25 23.14
CA LEU A 116 3.81 9.21 22.31
C LEU A 116 4.55 10.53 22.48
N THR A 117 5.72 10.49 23.15
CA THR A 117 6.56 11.66 23.40
C THR A 117 7.61 11.74 22.32
N PHE A 118 7.85 12.96 21.84
CA PHE A 118 8.79 13.21 20.75
C PHE A 118 9.89 14.17 21.17
N ASP A 119 11.13 13.89 20.71
CA ASP A 119 12.35 14.66 20.93
C ASP A 119 13.00 14.90 19.56
N GLY A 120 12.57 15.96 18.89
CA GLY A 120 13.04 16.31 17.56
C GLY A 120 12.39 15.45 16.50
N ASP A 121 13.21 14.78 15.68
CA ASP A 121 12.73 13.90 14.62
C ASP A 121 12.53 12.45 15.09
N HIS A 122 12.71 12.17 16.40
CA HIS A 122 12.53 10.82 16.92
C HIS A 122 11.53 10.66 18.07
N LEU A 123 10.93 9.45 18.19
CA LEU A 123 9.98 9.06 19.23
C LEU A 123 10.77 8.81 20.52
N ALA A 124 10.64 9.70 21.51
CA ALA A 124 11.35 9.55 22.77
C ALA A 124 10.84 8.33 23.55
N THR A 125 9.55 8.33 23.95
CA THR A 125 8.91 7.27 24.74
C THR A 125 7.43 7.08 24.35
N ILE A 126 6.89 5.88 24.62
CA ILE A 126 5.47 5.51 24.46
C ILE A 126 5.04 5.00 25.84
N VAL A 127 4.14 5.70 26.52
CA VAL A 127 3.71 5.31 27.86
C VAL A 127 2.25 4.89 27.96
N ASN A 128 1.95 3.89 28.82
CA ASN A 128 0.56 3.49 29.05
C ASN A 128 -0.02 4.47 30.05
N MET A 129 -0.98 5.30 29.60
CA MET A 129 -1.62 6.35 30.38
C MET A 129 -2.47 5.86 31.55
N GLU A 130 -2.56 4.53 31.71
CA GLU A 130 -3.29 3.84 32.77
C GLU A 130 -2.41 3.71 34.02
N ASN A 131 -1.11 3.47 33.82
CA ASN A 131 -0.13 3.24 34.90
C ASN A 131 1.19 4.03 34.77
N ASN A 132 1.30 4.91 33.74
CA ASN A 132 2.49 5.72 33.40
C ASN A 132 3.74 4.87 33.19
N ARG A 133 3.55 3.65 32.64
CA ARG A 133 4.63 2.72 32.34
C ARG A 133 5.05 2.84 30.87
N GLN A 134 6.38 2.92 30.66
CA GLN A 134 7.03 3.00 29.35
C GLN A 134 6.99 1.67 28.61
N PHE A 135 6.56 1.70 27.33
CA PHE A 135 6.46 0.55 26.43
C PHE A 135 7.79 0.30 25.69
N GLY A 136 8.09 -0.97 25.45
CA GLY A 136 9.26 -1.39 24.69
C GLY A 136 8.96 -1.36 23.22
N PHE A 137 7.72 -1.76 22.89
CA PHE A 137 7.14 -1.75 21.56
C PHE A 137 5.64 -1.55 21.68
N PHE A 138 5.08 -0.80 20.74
CA PHE A 138 3.67 -0.51 20.74
C PHE A 138 3.15 -0.74 19.33
N ARG A 139 2.24 -1.72 19.21
CA ARG A 139 1.61 -2.10 17.95
C ARG A 139 0.63 -1.01 17.51
N LEU A 140 0.44 -0.90 16.19
CA LEU A 140 -0.50 0.00 15.55
C LEU A 140 -1.27 -0.88 14.57
N ASP A 141 -2.60 -0.95 14.76
CA ASP A 141 -3.53 -1.77 13.98
C ASP A 141 -3.46 -1.51 12.47
N PRO A 142 -3.67 -2.52 11.60
CA PRO A 142 -3.60 -2.27 10.15
C PRO A 142 -4.90 -1.72 9.57
N ARG A 143 -4.78 -0.86 8.54
CA ARG A 143 -5.95 -0.32 7.88
C ARG A 143 -6.56 -1.38 6.99
N LEU A 144 -7.90 -1.52 7.01
CA LEU A 144 -8.63 -2.46 6.16
C LEU A 144 -8.70 -1.80 4.78
N ILE A 145 -8.04 -2.42 3.79
CA ILE A 145 -7.96 -1.90 2.42
C ILE A 145 -9.25 -2.20 1.66
N THR A 146 -9.64 -3.49 1.60
CA THR A 146 -10.81 -4.00 0.90
C THR A 146 -11.20 -5.43 1.38
N MET A 147 -12.14 -6.06 0.65
CA MET A 147 -12.65 -7.42 0.85
C MET A 147 -12.61 -8.15 -0.50
N ILE A 148 -12.41 -9.47 -0.48
CA ILE A 148 -12.38 -10.26 -1.71
C ILE A 148 -13.71 -11.02 -1.81
N SER A 149 -14.69 -10.39 -2.50
CA SER A 149 -16.07 -10.81 -2.78
C SER A 149 -16.41 -12.30 -2.58
N ASN A 152 -22.46 -15.56 -5.06
CA ASN A 152 -22.99 -14.97 -3.82
C ASN A 152 -23.33 -13.49 -4.03
N GLY A 153 -22.32 -12.70 -4.39
CA GLY A 153 -22.43 -11.26 -4.64
C GLY A 153 -22.79 -10.42 -3.42
N GLU A 154 -22.43 -10.91 -2.21
CA GLU A 154 -22.71 -10.25 -0.93
C GLU A 154 -21.44 -10.13 -0.07
N GLN A 155 -21.17 -8.93 0.49
CA GLN A 155 -20.00 -8.66 1.32
C GLN A 155 -20.36 -8.37 2.77
N ARG A 156 -19.65 -9.04 3.72
CA ARG A 156 -19.86 -8.91 5.17
C ARG A 156 -18.53 -8.81 5.93
N LEU A 157 -18.60 -8.33 7.19
CA LEU A 157 -17.50 -8.27 8.15
C LEU A 157 -18.11 -8.58 9.52
N PHE A 158 -17.97 -9.85 9.96
CA PHE A 158 -18.54 -10.34 11.21
C PHE A 158 -17.96 -9.75 12.50
N VAL A 159 -18.85 -9.17 13.30
CA VAL A 159 -18.55 -8.59 14.60
C VAL A 159 -19.47 -9.27 15.64
N PRO A 160 -18.93 -9.90 16.71
CA PRO A 160 -19.80 -10.56 17.71
C PRO A 160 -20.63 -9.56 18.52
N ARG A 161 -21.52 -10.06 19.38
CA ARG A 161 -22.41 -9.28 20.24
C ARG A 161 -21.69 -8.13 20.98
N SER A 162 -20.57 -8.43 21.68
CA SER A 162 -19.76 -7.48 22.46
C SER A 162 -19.22 -6.29 21.68
N GLY A 163 -18.90 -6.51 20.40
CA GLY A 163 -18.36 -5.50 19.50
C GLY A 163 -19.27 -4.32 19.22
N PHE A 164 -20.60 -4.52 19.36
CA PHE A 164 -21.61 -3.48 19.13
C PHE A 164 -21.85 -2.62 20.37
N PRO A 165 -21.85 -1.26 20.27
CA PRO A 165 -22.08 -0.44 21.46
C PRO A 165 -23.52 -0.59 21.97
N ASP A 166 -23.71 -0.66 23.30
CA ASP A 166 -25.02 -0.79 23.93
C ASP A 166 -25.99 0.32 23.47
N LEU A 167 -25.43 1.51 23.14
CA LEU A 167 -26.16 2.67 22.63
C LEU A 167 -26.75 2.39 21.24
N LEU A 168 -25.96 1.74 20.35
CA LEU A 168 -26.37 1.38 18.99
C LEU A 168 -27.55 0.39 19.02
N VAL A 169 -27.50 -0.59 19.96
CA VAL A 169 -28.57 -1.57 20.15
C VAL A 169 -29.86 -0.81 20.54
N ASP A 170 -29.74 0.14 21.50
CA ASP A 170 -30.82 1.01 21.97
C ASP A 170 -31.35 1.93 20.84
N THR A 171 -30.45 2.38 19.94
CA THR A 171 -30.76 3.21 18.77
C THR A 171 -31.57 2.38 17.77
N LEU A 172 -31.22 1.09 17.63
CA LEU A 172 -31.90 0.15 16.74
C LEU A 172 -33.25 -0.24 17.30
N LEU A 173 -33.32 -0.57 18.62
CA LEU A 173 -34.57 -0.97 19.29
C LEU A 173 -35.64 0.14 19.27
N ALA A 174 -35.22 1.40 19.54
CA ALA A 174 -36.11 2.57 19.55
C ALA A 174 -36.78 2.79 18.19
N THR A 175 -36.02 2.63 17.09
CA THR A 175 -36.50 2.79 15.71
C THR A 175 -37.27 1.54 15.27
N GLU A 176 -36.82 0.34 15.70
CA GLU A 176 -37.44 -0.92 15.31
C GLU A 176 -38.43 -1.56 16.29
N ASP A 177 -37.93 -2.31 17.31
CA ASP A 177 -38.82 -3.03 18.24
C ASP A 177 -38.51 -2.95 19.74
N ARG A 178 -39.56 -3.16 20.57
CA ARG A 178 -39.56 -3.19 22.04
C ARG A 178 -38.72 -4.35 22.60
N HIS A 179 -38.87 -5.56 22.00
CA HIS A 179 -38.13 -6.81 22.30
C HIS A 179 -38.40 -7.56 23.63
N PHE A 180 -39.66 -7.94 23.86
CA PHE A 180 -40.03 -8.66 25.08
C PHE A 180 -40.74 -9.96 24.76
N TYR A 181 -40.66 -10.38 23.49
CA TYR A 181 -41.28 -11.62 23.05
C TYR A 181 -40.26 -12.74 22.90
N THR A 210 -41.69 -7.14 13.79
CA THR A 210 -40.87 -7.65 14.88
C THR A 210 -39.40 -7.82 14.46
N LEU A 211 -38.45 -7.63 15.41
CA LEU A 211 -37.01 -7.75 15.16
C LEU A 211 -36.58 -9.14 14.68
N THR A 212 -37.12 -10.23 15.28
CA THR A 212 -36.81 -11.61 14.87
C THR A 212 -37.48 -12.04 13.55
N GLN A 213 -38.63 -11.40 13.22
CA GLN A 213 -39.40 -11.63 11.99
C GLN A 213 -38.58 -11.13 10.77
N GLN A 214 -38.06 -9.92 10.84
CA GLN A 214 -37.25 -9.38 9.75
C GLN A 214 -36.02 -10.22 9.47
N LEU A 215 -35.43 -10.76 10.54
CA LEU A 215 -34.23 -11.58 10.46
C LEU A 215 -34.50 -12.79 9.55
N VAL A 216 -35.54 -13.60 9.86
CA VAL A 216 -35.91 -14.81 9.13
C VAL A 216 -36.22 -14.65 7.65
N LYS A 217 -36.79 -13.48 7.26
CA LYS A 217 -37.10 -13.21 5.84
C LYS A 217 -35.84 -12.96 5.01
N ASN A 218 -34.81 -12.32 5.61
CA ASN A 218 -33.53 -12.02 4.95
C ASN A 218 -32.62 -13.26 4.91
N LEU A 219 -32.75 -14.12 5.94
CA LEU A 219 -31.95 -15.34 6.12
C LEU A 219 -32.45 -16.58 5.39
N PHE A 220 -33.79 -16.76 5.27
CA PHE A 220 -34.36 -17.98 4.66
C PHE A 220 -35.42 -17.78 3.57
N LEU A 221 -36.10 -16.61 3.55
CA LEU A 221 -37.22 -16.39 2.63
C LEU A 221 -37.01 -15.49 1.39
N SER A 222 -38.04 -15.42 0.52
CA SER A 222 -38.10 -14.65 -0.73
C SER A 222 -38.44 -13.17 -0.50
N SER A 223 -38.43 -12.35 -1.57
CA SER A 223 -38.71 -10.91 -1.57
C SER A 223 -40.22 -10.55 -1.61
N GLU A 224 -41.07 -11.57 -1.87
CA GLU A 224 -42.52 -11.49 -2.05
C GLU A 224 -43.30 -10.71 -0.99
N ARG A 225 -44.34 -10.00 -1.43
CA ARG A 225 -45.26 -9.21 -0.59
C ARG A 225 -46.34 -10.12 0.03
N SER A 226 -46.48 -11.35 -0.51
CA SER A 226 -47.45 -12.40 -0.19
C SER A 226 -47.72 -12.67 1.29
N TYR A 227 -48.97 -13.03 1.61
CA TYR A 227 -49.46 -13.38 2.94
C TYR A 227 -48.91 -14.71 3.42
N TRP A 228 -48.59 -15.64 2.47
CA TRP A 228 -47.98 -16.95 2.76
C TRP A 228 -46.60 -16.72 3.36
N ARG A 229 -45.84 -15.76 2.77
CA ARG A 229 -44.50 -15.34 3.20
C ARG A 229 -44.56 -14.74 4.61
N LYS A 230 -45.55 -13.84 4.86
CA LYS A 230 -45.79 -13.19 6.15
C LYS A 230 -46.12 -14.23 7.25
N ALA A 231 -46.89 -15.28 6.88
CA ALA A 231 -47.27 -16.38 7.77
C ALA A 231 -46.08 -17.29 8.04
N ASN A 232 -45.28 -17.59 6.98
CA ASN A 232 -44.05 -18.40 7.04
C ASN A 232 -42.99 -17.69 7.87
N GLU A 233 -42.97 -16.34 7.80
CA GLU A 233 -42.07 -15.43 8.51
C GLU A 233 -42.40 -15.45 10.01
N ALA A 234 -43.69 -15.17 10.36
CA ALA A 234 -44.20 -15.13 11.73
C ALA A 234 -44.08 -16.48 12.46
N TYR A 235 -44.28 -17.59 11.72
CA TYR A 235 -44.16 -18.95 12.27
C TYR A 235 -42.68 -19.30 12.52
N MET A 236 -41.77 -18.84 11.64
CA MET A 236 -40.32 -19.02 11.77
C MET A 236 -39.79 -18.19 12.93
N ALA A 237 -40.30 -16.94 13.09
CA ALA A 237 -39.94 -15.99 14.14
C ALA A 237 -40.17 -16.55 15.55
N LEU A 238 -41.33 -17.22 15.75
CA LEU A 238 -41.72 -17.86 17.01
C LEU A 238 -40.77 -19.03 17.35
N ILE A 239 -40.28 -19.75 16.31
CA ILE A 239 -39.33 -20.85 16.42
C ILE A 239 -37.91 -20.28 16.68
N MET A 240 -37.59 -19.14 16.04
CA MET A 240 -36.32 -18.42 16.14
C MET A 240 -36.03 -17.90 17.56
N ASP A 241 -36.98 -17.16 18.17
CA ASP A 241 -36.85 -16.58 19.51
C ASP A 241 -36.77 -17.63 20.62
N ALA A 242 -37.46 -18.77 20.45
CA ALA A 242 -37.51 -19.85 21.42
C ALA A 242 -36.20 -20.64 21.56
N ARG A 243 -35.62 -21.10 20.43
CA ARG A 243 -34.39 -21.89 20.43
C ARG A 243 -33.08 -21.09 20.55
N TYR A 244 -33.14 -19.76 20.36
CA TYR A 244 -31.95 -18.91 20.44
C TYR A 244 -32.15 -17.65 21.30
N SER A 245 -31.13 -17.33 22.11
CA SER A 245 -31.10 -16.18 23.04
C SER A 245 -31.19 -14.83 22.30
N LYS A 246 -31.73 -13.79 22.98
CA LYS A 246 -31.90 -12.43 22.44
C LYS A 246 -30.58 -11.78 21.98
N ASP A 247 -29.45 -12.19 22.58
CA ASP A 247 -28.10 -11.72 22.23
C ASP A 247 -27.72 -12.23 20.85
N ARG A 248 -28.02 -13.52 20.56
CA ARG A 248 -27.76 -14.18 19.27
C ARG A 248 -28.58 -13.56 18.15
N ILE A 249 -29.88 -13.25 18.42
CA ILE A 249 -30.82 -12.62 17.46
C ILE A 249 -30.23 -11.29 17.01
N LEU A 250 -29.78 -10.45 17.95
CA LEU A 250 -29.15 -9.15 17.69
C LEU A 250 -27.87 -9.33 16.88
N GLU A 251 -27.00 -10.28 17.30
CA GLU A 251 -25.72 -10.60 16.63
C GLU A 251 -25.92 -10.96 15.15
N LEU A 252 -26.92 -11.82 14.85
CA LEU A 252 -27.23 -12.24 13.48
C LEU A 252 -27.90 -11.13 12.65
N TYR A 253 -28.87 -10.38 13.25
CA TYR A 253 -29.60 -9.28 12.61
C TYR A 253 -28.66 -8.14 12.22
N MET A 254 -27.82 -7.67 13.16
CA MET A 254 -26.86 -6.58 12.97
C MET A 254 -25.78 -6.87 11.90
N ASN A 255 -25.59 -8.16 11.54
CA ASN A 255 -24.62 -8.63 10.54
C ASN A 255 -25.26 -9.02 9.20
N GLU A 256 -26.59 -9.24 9.16
CA GLU A 256 -27.33 -9.63 7.96
C GLU A 256 -27.97 -8.45 7.21
N VAL A 257 -28.53 -7.47 7.94
CA VAL A 257 -29.22 -6.29 7.39
C VAL A 257 -28.58 -5.59 6.19
N TYR A 258 -29.29 -5.55 5.05
CA TYR A 258 -28.84 -4.89 3.83
C TYR A 258 -28.81 -3.38 4.09
N LEU A 259 -27.62 -2.77 4.00
CA LEU A 259 -27.44 -1.34 4.28
C LEU A 259 -26.78 -0.51 3.17
N GLY A 260 -26.44 -1.14 2.05
CA GLY A 260 -25.82 -0.44 0.92
C GLY A 260 -25.44 -1.31 -0.26
N GLN A 261 -25.00 -0.65 -1.35
CA GLN A 261 -24.58 -1.29 -2.59
C GLN A 261 -23.31 -0.64 -3.15
N SER A 262 -22.32 -1.47 -3.51
CA SER A 262 -21.06 -1.02 -4.11
C SER A 262 -20.87 -1.75 -5.45
N GLY A 263 -21.71 -1.37 -6.42
CA GLY A 263 -21.73 -1.95 -7.77
C GLY A 263 -22.45 -3.28 -7.83
N ASP A 264 -21.67 -4.38 -7.96
CA ASP A 264 -22.18 -5.75 -8.06
C ASP A 264 -22.27 -6.45 -6.69
N ASN A 265 -21.53 -5.95 -5.68
CA ASN A 265 -21.51 -6.51 -4.33
C ASN A 265 -22.42 -5.75 -3.37
N GLU A 266 -23.18 -6.50 -2.55
CA GLU A 266 -24.12 -5.96 -1.57
C GLU A 266 -23.44 -5.70 -0.22
N ILE A 267 -23.49 -4.43 0.25
CA ILE A 267 -22.91 -4.03 1.53
C ILE A 267 -23.96 -4.34 2.60
N ARG A 268 -23.73 -5.41 3.38
CA ARG A 268 -24.67 -5.80 4.43
C ARG A 268 -24.08 -6.00 5.82
N GLY A 269 -24.86 -5.57 6.81
CA GLY A 269 -24.50 -5.58 8.22
C GLY A 269 -23.99 -4.22 8.64
N PHE A 270 -24.08 -3.89 9.93
CA PHE A 270 -23.60 -2.62 10.47
C PHE A 270 -22.06 -2.45 10.44
N PRO A 271 -21.21 -3.49 10.75
CA PRO A 271 -19.75 -3.27 10.74
C PRO A 271 -19.13 -2.84 9.41
N LEU A 272 -19.49 -3.50 8.30
CA LEU A 272 -18.95 -3.17 6.97
C LEU A 272 -19.49 -1.83 6.47
N ALA A 273 -20.78 -1.54 6.74
CA ALA A 273 -21.44 -0.28 6.35
C ALA A 273 -20.83 0.92 7.08
N SER A 274 -20.40 0.72 8.36
CA SER A 274 -19.74 1.74 9.19
C SER A 274 -18.42 2.18 8.54
N LEU A 275 -17.69 1.22 7.93
CA LEU A 275 -16.42 1.47 7.24
C LEU A 275 -16.64 2.02 5.83
N TYR A 276 -17.63 1.46 5.08
CA TYR A 276 -17.98 1.87 3.73
C TYR A 276 -18.55 3.30 3.69
N TYR A 277 -19.35 3.66 4.72
CA TYR A 277 -19.96 4.99 4.77
C TYR A 277 -19.13 6.09 5.43
N PHE A 278 -18.27 5.75 6.40
CA PHE A 278 -17.52 6.79 7.11
C PHE A 278 -16.01 6.56 7.16
N GLY A 279 -15.61 5.31 7.31
CA GLY A 279 -14.21 4.93 7.43
C GLY A 279 -13.83 4.76 8.88
N ARG A 280 -14.75 4.20 9.67
CA ARG A 280 -14.61 3.96 11.10
C ARG A 280 -15.28 2.63 11.42
N PRO A 281 -14.80 1.83 12.41
CA PRO A 281 -15.52 0.59 12.78
C PRO A 281 -16.87 0.89 13.44
N VAL A 282 -17.69 -0.15 13.67
CA VAL A 282 -19.02 -0.04 14.29
C VAL A 282 -18.99 0.46 15.77
N GLU A 283 -17.89 0.18 16.48
CA GLU A 283 -17.61 0.53 17.88
C GLU A 283 -17.30 2.04 18.05
N GLU A 284 -16.88 2.71 16.96
CA GLU A 284 -16.48 4.13 16.98
C GLU A 284 -17.46 5.09 16.30
N LEU A 285 -18.70 4.67 16.06
CA LEU A 285 -19.69 5.52 15.41
C LEU A 285 -20.24 6.57 16.37
N SER A 286 -20.39 7.82 15.86
CA SER A 286 -20.99 8.92 16.63
C SER A 286 -22.50 8.77 16.50
N LEU A 287 -23.26 9.15 17.53
CA LEU A 287 -24.72 9.03 17.58
C LEU A 287 -25.48 9.39 16.29
N ASP A 288 -25.04 10.43 15.55
CA ASP A 288 -25.67 10.86 14.29
C ASP A 288 -25.43 9.87 13.13
N GLN A 289 -24.21 9.30 13.04
CA GLN A 289 -23.81 8.31 12.03
C GLN A 289 -24.51 7.00 12.34
N GLN A 290 -24.62 6.69 13.65
CA GLN A 290 -25.25 5.52 14.24
C GLN A 290 -26.73 5.48 13.87
N ALA A 291 -27.41 6.66 13.94
CA ALA A 291 -28.82 6.85 13.62
C ALA A 291 -29.12 6.70 12.12
N LEU A 292 -28.20 7.15 11.24
CA LEU A 292 -28.35 7.06 9.78
C LEU A 292 -28.37 5.61 9.31
N LEU A 293 -27.42 4.79 9.79
CA LEU A 293 -27.30 3.36 9.48
C LEU A 293 -28.53 2.58 9.96
N VAL A 294 -29.07 2.98 11.14
CA VAL A 294 -30.28 2.41 11.74
C VAL A 294 -31.54 2.84 10.92
N GLY A 295 -31.42 3.96 10.21
CA GLY A 295 -32.48 4.50 9.36
C GLY A 295 -32.60 3.84 8.00
N MET A 296 -31.45 3.45 7.42
CA MET A 296 -31.36 2.80 6.10
C MET A 296 -31.94 1.38 6.09
N VAL A 297 -32.04 0.71 7.26
CA VAL A 297 -32.56 -0.65 7.39
C VAL A 297 -33.96 -0.84 6.73
N LYS A 298 -34.77 0.24 6.69
CA LYS A 298 -36.10 0.27 6.09
C LYS A 298 -36.08 0.43 4.57
N GLY A 299 -35.06 1.12 4.05
CA GLY A 299 -34.90 1.36 2.62
C GLY A 299 -33.54 1.91 2.25
N ALA A 300 -32.51 1.04 2.33
CA ALA A 300 -31.09 1.32 2.07
C ALA A 300 -30.76 2.01 0.74
N SER A 301 -31.52 1.70 -0.33
CA SER A 301 -31.31 2.28 -1.66
C SER A 301 -31.87 3.70 -1.80
N ILE A 302 -33.04 3.97 -1.18
CA ILE A 302 -33.68 5.30 -1.23
C ILE A 302 -33.15 6.21 -0.11
N TYR A 303 -32.82 5.63 1.06
CA TYR A 303 -32.26 6.40 2.18
C TYR A 303 -30.72 6.45 2.13
N ASN A 304 -30.14 6.19 0.93
CA ASN A 304 -28.71 6.19 0.63
C ASN A 304 -28.16 7.65 0.68
N PRO A 305 -26.92 7.89 1.15
CA PRO A 305 -26.43 9.27 1.23
C PRO A 305 -25.69 9.80 0.00
N TRP A 306 -25.21 8.90 -0.90
CA TRP A 306 -24.51 9.29 -2.14
C TRP A 306 -25.52 9.98 -3.07
N ARG A 307 -26.58 9.24 -3.46
CA ARG A 307 -27.68 9.73 -4.28
C ARG A 307 -28.71 10.30 -3.30
N ASN A 308 -29.40 11.40 -3.68
CA ASN A 308 -30.41 12.09 -2.86
C ASN A 308 -30.00 12.26 -1.35
N PRO A 309 -29.02 13.16 -1.05
CA PRO A 309 -28.60 13.33 0.36
C PRO A 309 -29.65 13.92 1.28
N LYS A 310 -30.65 14.66 0.73
CA LYS A 310 -31.74 15.27 1.51
C LYS A 310 -32.68 14.21 2.11
N LEU A 311 -33.06 13.18 1.31
CA LEU A 311 -33.92 12.08 1.77
C LEU A 311 -33.23 11.25 2.85
N ALA A 312 -31.89 11.15 2.79
CA ALA A 312 -31.06 10.46 3.79
C ALA A 312 -30.99 11.29 5.07
N LEU A 313 -30.80 12.63 4.91
CA LEU A 313 -30.76 13.62 6.01
C LEU A 313 -32.10 13.66 6.72
N GLU A 314 -33.20 13.73 5.95
CA GLU A 314 -34.58 13.74 6.44
C GLU A 314 -34.86 12.48 7.25
N ARG A 315 -34.35 11.34 6.80
CA ARG A 315 -34.50 10.08 7.52
C ARG A 315 -33.69 10.08 8.82
N ARG A 316 -32.43 10.50 8.75
CA ARG A 316 -31.59 10.56 9.94
C ARG A 316 -32.27 11.37 11.03
N ASN A 317 -32.79 12.53 10.64
CA ASN A 317 -33.51 13.44 11.54
C ASN A 317 -34.80 12.76 12.03
N LEU A 318 -35.42 11.93 11.15
CA LEU A 318 -36.63 11.15 11.45
C LEU A 318 -36.31 9.90 12.29
N VAL A 319 -35.03 9.75 12.69
CA VAL A 319 -34.54 8.67 13.56
C VAL A 319 -34.19 9.28 14.92
N LEU A 320 -33.39 10.38 14.94
CA LEU A 320 -32.97 11.08 16.16
C LEU A 320 -34.13 11.45 17.09
N ARG A 321 -35.26 11.84 16.53
CA ARG A 321 -36.43 12.18 17.33
C ARG A 321 -37.06 10.94 17.97
N LEU A 322 -37.02 9.82 17.25
CA LEU A 322 -37.60 8.56 17.72
C LEU A 322 -36.91 8.10 18.99
N LEU A 323 -35.60 8.40 19.11
CA LEU A 323 -34.79 8.12 20.29
C LEU A 323 -35.15 9.17 21.35
N GLN A 324 -35.43 10.43 20.91
CA GLN A 324 -35.78 11.58 21.75
C GLN A 324 -37.05 11.41 22.59
N GLN A 325 -38.09 10.75 22.02
CA GLN A 325 -39.37 10.45 22.71
C GLN A 325 -39.05 9.66 23.97
N GLN A 326 -38.14 8.67 23.85
CA GLN A 326 -37.66 7.83 24.94
C GLN A 326 -36.70 8.66 25.80
N GLN A 327 -36.66 8.35 27.11
CA GLN A 327 -35.84 8.99 28.14
C GLN A 327 -34.31 8.89 27.94
N ILE A 328 -33.83 7.95 27.09
CA ILE A 328 -32.41 7.69 26.80
C ILE A 328 -31.54 8.90 26.41
N ILE A 329 -32.00 9.73 25.46
CA ILE A 329 -31.31 10.93 24.99
C ILE A 329 -31.95 12.23 25.53
N ASP A 330 -31.11 13.23 25.86
CA ASP A 330 -31.54 14.55 26.36
C ASP A 330 -31.84 15.52 25.22
N GLN A 331 -32.69 16.51 25.49
CA GLN A 331 -33.13 17.56 24.56
C GLN A 331 -31.98 18.44 24.04
N GLU A 332 -30.91 18.57 24.85
CA GLU A 332 -29.68 19.33 24.55
C GLU A 332 -28.95 18.81 23.31
N LEU A 333 -28.94 17.49 23.13
CA LEU A 333 -28.24 16.80 22.03
C LEU A 333 -28.89 16.91 20.66
N TYR A 334 -30.23 16.80 20.57
CA TYR A 334 -31.02 16.85 19.32
C TYR A 334 -30.66 17.96 18.32
N ASP A 335 -30.61 19.23 18.79
CA ASP A 335 -30.32 20.42 17.98
C ASP A 335 -28.98 20.40 17.23
N MET A 336 -27.88 20.04 17.92
CA MET A 336 -26.53 19.96 17.36
C MET A 336 -26.41 18.80 16.37
N LEU A 337 -27.03 17.65 16.68
CA LEU A 337 -27.01 16.45 15.84
C LEU A 337 -27.77 16.64 14.52
N SER A 338 -28.92 17.35 14.56
CA SER A 338 -29.77 17.65 13.40
C SER A 338 -29.07 18.55 12.37
N ALA A 339 -28.33 19.56 12.85
CA ALA A 339 -27.59 20.50 12.00
C ALA A 339 -26.29 19.90 11.46
N ARG A 340 -25.53 19.15 12.29
CA ARG A 340 -24.28 18.52 11.87
C ARG A 340 -24.54 17.38 10.87
N PRO A 341 -23.85 17.36 9.70
CA PRO A 341 -24.12 16.32 8.70
C PRO A 341 -23.80 14.90 9.14
N LEU A 342 -24.78 14.00 8.92
CA LEU A 342 -24.72 12.54 9.16
C LEU A 342 -23.65 11.93 8.27
N GLY A 343 -23.38 12.63 7.17
CA GLY A 343 -22.38 12.33 6.16
C GLY A 343 -21.81 13.62 5.61
N VAL A 344 -20.53 13.99 5.88
CA VAL A 344 -19.44 13.31 6.61
C VAL A 344 -18.90 12.01 5.94
N GLN A 345 -19.25 11.82 4.66
CA GLN A 345 -18.86 10.67 3.83
C GLN A 345 -17.43 10.80 3.27
N PRO A 346 -16.72 9.66 2.98
CA PRO A 346 -15.30 9.74 2.53
C PRO A 346 -14.80 10.68 1.42
N ARG A 347 -15.44 10.85 0.24
CA ARG A 347 -16.72 10.33 -0.24
C ARG A 347 -16.58 9.66 -1.61
N GLY A 348 -17.17 8.48 -1.76
CA GLY A 348 -17.13 7.69 -2.98
C GLY A 348 -18.47 7.09 -3.35
N ILE A 351 -15.42 1.91 -4.29
CA ILE A 351 -16.01 0.84 -5.08
C ILE A 351 -15.04 -0.34 -5.29
N SER A 352 -13.84 -0.05 -5.82
CA SER A 352 -12.75 -1.02 -6.05
C SER A 352 -11.48 -0.42 -5.42
N PRO A 353 -11.26 -0.61 -4.09
CA PRO A 353 -10.11 0.03 -3.44
C PRO A 353 -8.78 -0.63 -3.77
N GLN A 354 -7.80 0.21 -4.13
CA GLN A 354 -6.42 -0.13 -4.50
C GLN A 354 -6.30 -1.20 -5.63
N PRO A 355 -6.85 -0.95 -6.85
CA PRO A 355 -6.80 -1.99 -7.90
C PRO A 355 -5.41 -2.45 -8.32
N ALA A 356 -4.44 -1.52 -8.36
CA ALA A 356 -3.07 -1.81 -8.74
C ALA A 356 -2.44 -2.75 -7.71
N PHE A 357 -2.38 -2.34 -6.43
CA PHE A 357 -1.82 -3.17 -5.36
C PHE A 357 -2.58 -4.49 -5.17
N MET A 358 -3.91 -4.50 -5.39
CA MET A 358 -4.75 -5.69 -5.27
C MET A 358 -4.46 -6.74 -6.32
N GLN A 359 -4.03 -6.31 -7.52
CA GLN A 359 -3.64 -7.21 -8.62
C GLN A 359 -2.48 -8.07 -8.15
N LEU A 360 -1.51 -7.45 -7.46
CA LEU A 360 -0.33 -8.12 -6.90
C LEU A 360 -0.71 -9.05 -5.75
N VAL A 361 -1.63 -8.61 -4.87
CA VAL A 361 -2.09 -9.39 -3.71
C VAL A 361 -2.77 -10.67 -4.19
N ARG A 362 -3.72 -10.55 -5.15
CA ARG A 362 -4.43 -11.69 -5.75
C ARG A 362 -3.47 -12.69 -6.42
N GLN A 363 -2.51 -12.17 -7.23
CA GLN A 363 -1.47 -12.91 -7.95
C GLN A 363 -0.58 -13.72 -7.00
N GLU A 364 -0.18 -13.10 -5.86
CA GLU A 364 0.66 -13.76 -4.87
C GLU A 364 -0.11 -14.82 -4.08
N LEU A 365 -1.41 -14.56 -3.77
CA LEU A 365 -2.32 -15.47 -3.05
C LEU A 365 -2.51 -16.80 -3.79
N GLN A 366 -2.61 -16.76 -5.14
CA GLN A 366 -2.75 -17.94 -6.01
C GLN A 366 -1.43 -18.71 -6.04
N ALA A 367 -0.30 -17.98 -6.13
CA ALA A 367 1.05 -18.54 -6.16
C ALA A 367 1.43 -19.21 -4.85
N LYS A 368 1.12 -18.57 -3.71
CA LYS A 368 1.43 -19.11 -2.39
C LYS A 368 0.43 -20.18 -1.98
N LEU A 369 -0.87 -19.97 -2.30
CA LEU A 369 -1.97 -20.90 -2.03
C LEU A 369 -2.79 -21.11 -3.29
N VAL A 373 -8.27 -22.19 -0.01
CA VAL A 373 -8.23 -20.74 0.17
C VAL A 373 -9.56 -20.03 -0.20
N LYS A 374 -10.12 -20.32 -1.39
CA LYS A 374 -11.39 -19.75 -1.86
C LYS A 374 -12.59 -20.37 -1.14
N ASP A 375 -12.47 -21.65 -0.77
CA ASP A 375 -13.47 -22.44 -0.05
C ASP A 375 -13.69 -21.88 1.37
N LEU A 376 -12.59 -21.50 2.05
CA LEU A 376 -12.58 -20.98 3.42
C LEU A 376 -13.27 -19.60 3.55
N SER A 377 -13.89 -19.36 4.72
CA SER A 377 -14.59 -18.13 5.06
C SER A 377 -13.99 -17.47 6.30
N GLY A 378 -14.11 -16.15 6.37
CA GLY A 378 -13.60 -15.33 7.47
C GLY A 378 -12.09 -15.27 7.53
N VAL A 379 -11.46 -15.25 6.35
CA VAL A 379 -10.00 -15.20 6.18
C VAL A 379 -9.53 -13.75 6.32
N LYS A 380 -8.43 -13.55 7.06
CA LYS A 380 -7.82 -12.24 7.27
C LYS A 380 -6.45 -12.26 6.57
N ILE A 381 -6.32 -11.44 5.51
CA ILE A 381 -5.12 -11.32 4.69
C ILE A 381 -4.34 -10.08 5.12
N PHE A 382 -3.13 -10.29 5.67
CA PHE A 382 -2.26 -9.20 6.13
C PHE A 382 -1.23 -8.90 5.06
N THR A 383 -1.23 -7.65 4.56
CA THR A 383 -0.32 -7.21 3.49
C THR A 383 0.85 -6.37 3.99
N THR A 384 1.62 -5.80 3.06
CA THR A 384 2.79 -4.95 3.35
C THR A 384 2.49 -3.51 2.89
N PHE A 385 1.20 -3.23 2.60
CA PHE A 385 0.67 -1.97 2.09
C PHE A 385 0.84 -0.80 3.06
N ASP A 386 1.53 0.26 2.60
CA ASP A 386 1.77 1.47 3.37
C ASP A 386 0.82 2.55 2.88
N SER A 387 -0.17 2.93 3.72
CA SER A 387 -1.18 3.94 3.36
C SER A 387 -0.59 5.33 3.18
N VAL A 388 0.44 5.68 4.00
CA VAL A 388 1.16 6.96 3.96
C VAL A 388 1.89 7.08 2.63
N ALA A 389 2.63 6.01 2.23
CA ALA A 389 3.37 5.96 0.96
C ALA A 389 2.43 6.00 -0.26
N GLN A 390 1.35 5.20 -0.23
CA GLN A 390 0.34 5.16 -1.31
C GLN A 390 -0.31 6.51 -1.50
N ASP A 391 -0.67 7.21 -0.39
CA ASP A 391 -1.26 8.54 -0.46
C ASP A 391 -0.31 9.51 -1.13
N ALA A 392 0.98 9.51 -0.71
CA ALA A 392 2.06 10.35 -1.24
C ALA A 392 2.25 10.13 -2.74
N ALA A 393 2.23 8.84 -3.16
CA ALA A 393 2.38 8.42 -4.55
C ALA A 393 1.18 8.77 -5.42
N GLU A 394 -0.04 8.43 -4.95
CA GLU A 394 -1.32 8.69 -5.60
C GLU A 394 -1.52 10.19 -5.87
N LYS A 395 -1.19 11.05 -4.87
CA LYS A 395 -1.27 12.50 -4.92
C LYS A 395 -0.25 13.05 -5.94
N ALA A 396 0.97 12.48 -5.98
CA ALA A 396 2.03 12.86 -6.92
C ALA A 396 1.56 12.61 -8.36
N ALA A 397 0.92 11.44 -8.60
CA ALA A 397 0.38 11.04 -9.91
C ALA A 397 -0.80 11.94 -10.33
N VAL A 398 -1.79 12.10 -9.43
CA VAL A 398 -2.99 12.90 -9.66
C VAL A 398 -2.64 14.37 -9.94
N GLU A 399 -1.73 14.96 -9.15
CA GLU A 399 -1.33 16.35 -9.30
C GLU A 399 -0.33 16.56 -10.42
N GLY A 400 0.76 15.79 -10.39
CA GLY A 400 1.87 15.87 -11.33
C GLY A 400 1.57 15.64 -12.80
N ILE A 401 0.77 14.61 -13.12
CA ILE A 401 0.43 14.27 -14.51
C ILE A 401 -0.25 15.41 -15.29
N PRO A 402 -1.39 15.99 -14.83
CA PRO A 402 -1.99 17.12 -15.56
C PRO A 402 -1.07 18.34 -15.57
N ALA A 403 -0.27 18.52 -14.50
CA ALA A 403 0.71 19.59 -14.38
C ALA A 403 1.77 19.49 -15.50
N LEU A 404 2.23 18.25 -15.84
CA LEU A 404 3.18 18.01 -16.94
C LEU A 404 2.49 18.13 -18.29
N LYS A 405 1.21 17.67 -18.38
CA LYS A 405 0.36 17.74 -19.56
C LYS A 405 0.11 19.19 -19.99
N LYS A 406 -0.07 20.09 -19.02
CA LYS A 406 -0.28 21.51 -19.31
C LYS A 406 1.03 22.20 -19.66
N GLN A 407 2.09 21.95 -18.86
CA GLN A 407 3.44 22.50 -19.02
C GLN A 407 4.07 22.19 -20.37
N ARG A 408 3.74 21.01 -20.93
CA ARG A 408 4.29 20.56 -22.20
C ARG A 408 3.28 20.33 -23.33
N LYS A 409 2.06 20.90 -23.19
CA LYS A 409 0.96 20.83 -24.18
C LYS A 409 0.72 19.39 -24.68
N LEU A 410 0.49 18.46 -23.74
CA LEU A 410 0.31 17.05 -24.02
C LEU A 410 -1.14 16.58 -24.06
N SER A 411 -1.47 15.83 -25.12
CA SER A 411 -2.78 15.22 -25.42
C SER A 411 -3.15 14.20 -24.35
N ASP A 412 -2.16 13.42 -23.91
CA ASP A 412 -2.30 12.38 -22.90
C ASP A 412 -0.92 12.09 -22.29
N LEU A 413 -0.90 11.64 -21.03
CA LEU A 413 0.31 11.27 -20.31
C LEU A 413 -0.05 10.33 -19.18
N GLU A 414 0.78 9.32 -18.94
CA GLU A 414 0.52 8.36 -17.89
C GLU A 414 1.73 8.12 -17.01
N THR A 415 1.52 7.43 -15.86
CA THR A 415 2.56 7.13 -14.90
C THR A 415 2.41 5.72 -14.30
N ALA A 416 3.45 5.30 -13.58
CA ALA A 416 3.52 4.06 -12.83
C ALA A 416 4.54 4.31 -11.72
N ILE A 417 4.13 4.07 -10.47
CA ILE A 417 4.99 4.26 -9.29
C ILE A 417 5.02 2.96 -8.50
N VAL A 418 6.23 2.50 -8.13
CA VAL A 418 6.44 1.29 -7.36
C VAL A 418 7.35 1.61 -6.18
N VAL A 419 6.81 1.51 -4.96
CA VAL A 419 7.58 1.72 -3.74
C VAL A 419 7.74 0.36 -3.06
N VAL A 420 9.00 -0.03 -2.84
CA VAL A 420 9.35 -1.29 -2.18
C VAL A 420 10.34 -1.00 -1.07
N ASP A 421 10.39 -1.88 -0.05
CA ASP A 421 11.34 -1.74 1.06
C ASP A 421 12.74 -2.05 0.54
N ARG A 422 13.70 -1.19 0.89
CA ARG A 422 15.12 -1.27 0.51
C ARG A 422 15.71 -2.64 0.89
N PHE A 423 15.39 -3.15 2.09
CA PHE A 423 15.95 -4.40 2.59
C PHE A 423 15.07 -5.64 2.55
N SER A 424 13.75 -5.48 2.57
CA SER A 424 12.88 -6.66 2.58
C SER A 424 12.18 -6.92 1.26
N GLY A 425 12.16 -5.91 0.40
CA GLY A 425 11.53 -6.00 -0.91
C GLY A 425 10.02 -5.95 -0.82
N GLU A 426 9.50 -5.81 0.42
CA GLU A 426 8.08 -5.70 0.71
C GLU A 426 7.51 -4.45 0.01
N VAL A 427 6.52 -4.67 -0.87
CA VAL A 427 5.87 -3.63 -1.67
C VAL A 427 5.01 -2.76 -0.76
N ARG A 428 5.40 -1.48 -0.64
CA ARG A 428 4.74 -0.49 0.20
C ARG A 428 3.64 0.24 -0.57
N ALA A 429 3.95 0.71 -1.80
CA ALA A 429 3.00 1.45 -2.64
C ALA A 429 3.07 1.02 -4.10
N MET A 430 1.92 1.11 -4.80
CA MET A 430 1.75 0.74 -6.21
C MET A 430 0.61 1.52 -6.86
N VAL A 431 0.96 2.36 -7.84
CA VAL A 431 0.03 3.16 -8.62
C VAL A 431 0.23 2.79 -10.09
N GLY A 432 -0.86 2.41 -10.76
CA GLY A 432 -0.85 1.99 -12.16
C GLY A 432 -1.38 3.01 -13.13
N GLY A 433 -1.40 4.27 -12.72
CA GLY A 433 -1.89 5.34 -13.57
C GLY A 433 -2.01 6.72 -12.95
N SER A 434 -2.43 7.69 -13.79
CA SER A 434 -2.66 9.09 -13.46
C SER A 434 -3.96 9.26 -12.65
N GLU A 435 -4.93 8.35 -12.88
CA GLU A 435 -6.22 8.28 -12.17
C GLU A 435 -6.26 6.90 -11.47
N PRO A 436 -5.60 6.73 -10.30
CA PRO A 436 -5.54 5.39 -9.68
C PRO A 436 -6.71 4.98 -8.79
N GLN A 437 -7.63 5.91 -8.48
CA GLN A 437 -8.83 5.62 -7.67
C GLN A 437 -9.73 4.61 -8.38
N PHE A 438 -9.87 4.75 -9.72
CA PHE A 438 -10.63 3.88 -10.60
C PHE A 438 -9.73 3.36 -11.72
N ALA A 439 -9.48 2.03 -11.73
CA ALA A 439 -8.59 1.42 -12.73
C ALA A 439 -8.92 -0.02 -13.12
N GLY A 440 -8.46 -0.39 -14.31
CA GLY A 440 -8.56 -1.73 -14.90
C GLY A 440 -7.23 -2.18 -15.47
N TYR A 441 -6.49 -1.24 -16.07
CA TYR A 441 -5.18 -1.46 -16.66
C TYR A 441 -4.09 -0.90 -15.74
N ASN A 442 -3.33 -1.81 -15.11
CA ASN A 442 -2.26 -1.52 -14.16
C ASN A 442 -0.89 -1.37 -14.85
N ARG A 443 -0.41 -0.12 -15.00
CA ARG A 443 0.89 0.21 -15.63
C ARG A 443 2.11 -0.29 -14.85
N ALA A 444 2.02 -0.39 -13.52
CA ALA A 444 3.10 -0.87 -12.67
C ALA A 444 3.44 -2.35 -12.92
N MET A 445 2.44 -3.14 -13.35
CA MET A 445 2.56 -4.57 -13.58
C MET A 445 2.40 -5.02 -15.03
N GLN A 446 1.51 -4.37 -15.80
CA GLN A 446 1.25 -4.79 -17.19
C GLN A 446 2.09 -4.07 -18.24
N ALA A 447 2.30 -2.75 -18.09
CA ALA A 447 3.07 -1.95 -19.05
C ALA A 447 4.53 -2.29 -19.05
N ARG A 448 4.98 -2.96 -20.13
CA ARG A 448 6.36 -3.38 -20.36
C ARG A 448 7.00 -2.33 -21.25
N ARG A 449 7.97 -1.59 -20.72
CA ARG A 449 8.64 -0.50 -21.45
C ARG A 449 10.16 -0.55 -21.34
N SER A 450 10.86 0.07 -22.31
CA SER A 450 12.33 0.14 -22.37
C SER A 450 12.88 0.88 -21.15
N ILE A 451 13.78 0.25 -20.40
CA ILE A 451 14.36 0.88 -19.21
C ILE A 451 15.35 2.04 -19.48
N GLY A 452 15.87 2.12 -20.69
CA GLY A 452 16.79 3.19 -21.07
C GLY A 452 18.06 3.16 -20.28
N SER A 453 18.53 4.32 -19.82
CA SER A 453 19.73 4.42 -19.02
C SER A 453 19.64 3.64 -17.70
N LEU A 454 18.42 3.42 -17.21
CA LEU A 454 18.21 2.73 -15.93
C LEU A 454 18.88 1.37 -15.97
N ALA A 455 19.41 0.98 -17.15
CA ALA A 455 20.16 -0.24 -17.41
C ALA A 455 21.64 -0.05 -17.10
N LYS A 456 22.13 1.18 -17.09
CA LYS A 456 23.53 1.54 -16.83
C LYS A 456 24.14 1.04 -15.52
N PRO A 457 23.49 1.12 -14.32
CA PRO A 457 24.16 0.62 -13.10
C PRO A 457 24.57 -0.84 -13.12
N ALA A 458 23.87 -1.71 -13.89
CA ALA A 458 24.24 -3.13 -14.00
C ALA A 458 25.57 -3.34 -14.74
N THR A 459 25.99 -2.41 -15.59
CA THR A 459 27.26 -2.50 -16.29
C THR A 459 28.39 -2.09 -15.33
N TYR A 460 28.19 -0.96 -14.63
CA TYR A 460 29.16 -0.38 -13.68
C TYR A 460 29.25 -1.25 -12.43
N LEU A 461 28.14 -1.94 -12.05
CA LEU A 461 28.11 -2.89 -10.92
C LEU A 461 28.95 -4.13 -11.33
N THR A 462 28.77 -4.66 -12.56
CA THR A 462 29.57 -5.76 -13.08
C THR A 462 31.06 -5.37 -12.95
N ALA A 463 31.46 -4.22 -13.54
CA ALA A 463 32.83 -3.72 -13.50
C ALA A 463 33.37 -3.61 -12.08
N LEU A 464 32.62 -2.94 -11.18
CA LEU A 464 32.97 -2.74 -9.77
C LEU A 464 32.90 -4.00 -8.87
N SER A 465 32.58 -5.17 -9.44
CA SER A 465 32.59 -6.44 -8.71
C SER A 465 33.98 -7.08 -8.90
N GLN A 466 34.88 -6.35 -9.62
CA GLN A 466 36.26 -6.73 -9.94
C GLN A 466 37.18 -5.63 -9.38
N PRO A 467 37.47 -5.69 -8.05
CA PRO A 467 38.26 -4.61 -7.40
C PRO A 467 39.72 -4.41 -7.80
N LYS A 468 40.33 -5.45 -8.38
CA LYS A 468 41.72 -5.48 -8.86
C LYS A 468 41.79 -4.92 -10.29
N ILE A 469 40.63 -4.80 -10.97
CA ILE A 469 40.55 -4.31 -12.35
C ILE A 469 39.81 -2.96 -12.47
N TYR A 470 38.50 -2.91 -12.13
CA TYR A 470 37.72 -1.68 -12.25
C TYR A 470 37.43 -0.96 -10.93
N ARG A 471 37.78 0.33 -10.89
CA ARG A 471 37.57 1.21 -9.74
C ARG A 471 36.87 2.48 -10.23
N LEU A 472 36.44 3.35 -9.30
CA LEU A 472 35.77 4.60 -9.66
C LEU A 472 36.69 5.57 -10.42
N ASN A 473 38.02 5.45 -10.22
CA ASN A 473 39.04 6.28 -10.87
C ASN A 473 39.54 5.70 -12.21
N THR A 474 39.06 4.49 -12.60
CA THR A 474 39.40 3.81 -13.86
C THR A 474 39.01 4.65 -15.08
N TRP A 475 39.95 4.81 -16.03
CA TRP A 475 39.75 5.57 -17.26
C TRP A 475 39.11 4.71 -18.32
N ILE A 476 37.92 5.13 -18.81
CA ILE A 476 37.17 4.48 -19.90
C ILE A 476 37.22 5.43 -21.09
N ALA A 477 37.50 4.90 -22.29
CA ALA A 477 37.62 5.71 -23.52
C ALA A 477 36.30 6.37 -23.95
N ASP A 478 36.37 7.69 -24.29
CA ASP A 478 35.26 8.50 -24.76
C ASP A 478 35.66 9.11 -26.13
N ALA A 479 35.55 8.27 -27.17
CA ALA A 479 35.88 8.58 -28.57
C ALA A 479 34.90 7.80 -29.50
N PRO A 480 34.65 8.27 -30.75
CA PRO A 480 33.70 7.56 -31.62
C PRO A 480 33.77 6.03 -31.66
N ILE A 481 32.60 5.38 -31.57
CA ILE A 481 32.43 3.92 -31.60
C ILE A 481 31.70 3.52 -32.89
N ALA A 482 32.22 2.51 -33.60
CA ALA A 482 31.62 1.99 -34.82
C ALA A 482 31.68 0.45 -34.82
N LEU A 483 30.89 -0.16 -33.91
CA LEU A 483 30.81 -1.60 -33.76
C LEU A 483 29.96 -2.19 -34.87
N ARG A 484 30.52 -3.19 -35.59
CA ARG A 484 29.80 -3.87 -36.66
C ARG A 484 28.96 -5.03 -36.13
N GLN A 485 27.64 -4.84 -36.15
CA GLN A 485 26.61 -5.80 -35.75
C GLN A 485 26.46 -6.80 -36.94
N PRO A 486 25.84 -8.01 -36.80
CA PRO A 486 25.67 -8.88 -37.98
C PRO A 486 24.90 -8.19 -39.13
N ASN A 487 24.93 -8.80 -40.34
CA ASN A 487 24.38 -8.33 -41.62
C ASN A 487 25.35 -7.33 -42.30
N GLY A 488 26.32 -6.83 -41.53
CA GLY A 488 27.32 -5.87 -41.97
C GLY A 488 26.91 -4.42 -41.72
N GLN A 489 25.96 -4.21 -40.78
CA GLN A 489 25.44 -2.88 -40.45
C GLN A 489 26.11 -2.34 -39.19
N VAL A 490 26.74 -1.15 -39.31
CA VAL A 490 27.45 -0.48 -38.21
C VAL A 490 26.52 0.11 -37.15
N TRP A 491 26.89 -0.11 -35.87
CA TRP A 491 26.19 0.43 -34.71
C TRP A 491 27.10 1.48 -34.08
N SER A 492 26.72 2.77 -34.23
CA SER A 492 27.47 3.90 -33.72
C SER A 492 26.70 4.64 -32.60
N PRO A 493 26.86 4.22 -31.32
CA PRO A 493 26.15 4.90 -30.23
C PRO A 493 26.80 6.24 -29.89
N GLN A 494 25.96 7.25 -29.61
CA GLN A 494 26.42 8.59 -29.28
C GLN A 494 25.98 9.02 -27.87
N ASN A 495 26.74 9.96 -27.29
CA ASN A 495 26.44 10.58 -26.02
C ASN A 495 25.30 11.59 -26.30
N ASP A 496 24.52 11.94 -25.27
CA ASP A 496 23.37 12.85 -25.36
C ASP A 496 23.63 14.12 -26.20
N ASP A 497 24.81 14.75 -25.99
CA ASP A 497 25.18 16.01 -26.64
C ASP A 497 25.91 15.80 -27.97
N ARG A 498 26.15 14.50 -28.33
CA ARG A 498 26.86 14.04 -29.53
C ARG A 498 28.32 14.53 -29.51
N ARG A 499 28.82 14.77 -28.30
CA ARG A 499 30.17 15.21 -28.03
C ARG A 499 30.96 14.10 -27.37
N TYR A 500 32.28 14.30 -27.26
CA TYR A 500 33.28 13.39 -26.67
C TYR A 500 34.20 14.21 -25.79
N SER A 501 34.87 13.55 -24.81
CA SER A 501 35.82 14.20 -23.89
C SER A 501 37.04 14.69 -24.68
N GLU A 502 37.54 15.89 -24.34
CA GLU A 502 38.69 16.49 -24.99
C GLU A 502 39.96 15.64 -24.85
N SER A 503 39.99 14.79 -23.80
CA SER A 503 41.09 13.89 -23.47
C SER A 503 40.92 12.51 -24.13
N GLY A 504 39.72 12.25 -24.63
CA GLY A 504 39.34 10.98 -25.24
C GLY A 504 39.10 9.90 -24.21
N ARG A 505 38.91 10.29 -22.92
CA ARG A 505 38.69 9.38 -21.79
C ARG A 505 37.94 10.02 -20.59
N VAL A 506 37.27 9.20 -19.79
CA VAL A 506 36.55 9.63 -18.58
C VAL A 506 36.73 8.64 -17.46
N MET A 507 36.66 9.15 -16.22
CA MET A 507 36.71 8.32 -15.03
C MET A 507 35.39 7.57 -14.97
N LEU A 508 35.44 6.29 -14.59
CA LEU A 508 34.27 5.44 -14.44
C LEU A 508 33.18 6.16 -13.61
N VAL A 509 33.56 6.74 -12.42
CA VAL A 509 32.64 7.50 -11.56
C VAL A 509 31.81 8.53 -12.36
N ASP A 510 32.48 9.38 -13.19
CA ASP A 510 31.82 10.43 -13.99
C ASP A 510 30.97 9.93 -15.11
N ALA A 511 31.34 8.77 -15.68
CA ALA A 511 30.63 8.12 -16.79
C ALA A 511 29.24 7.69 -16.33
N LEU A 512 29.15 7.10 -15.11
CA LEU A 512 27.85 6.70 -14.57
C LEU A 512 27.11 7.95 -14.09
N THR A 513 27.81 8.86 -13.36
CA THR A 513 27.25 10.13 -12.85
C THR A 513 26.50 10.85 -13.94
N ARG A 514 27.17 11.06 -15.11
CA ARG A 514 26.70 11.78 -16.30
C ARG A 514 25.84 10.98 -17.30
N SER A 515 25.72 9.65 -17.09
CA SER A 515 24.96 8.70 -17.94
C SER A 515 25.41 8.80 -19.37
N MET A 516 26.73 8.61 -19.55
CA MET A 516 27.44 8.73 -20.82
C MET A 516 27.37 7.40 -21.57
N ASN A 517 26.72 7.40 -22.75
CA ASN A 517 26.51 6.20 -23.57
C ASN A 517 27.78 5.54 -24.08
N VAL A 518 28.62 6.32 -24.80
CA VAL A 518 29.90 5.90 -25.37
C VAL A 518 30.75 5.17 -24.28
N PRO A 519 31.13 5.80 -23.13
CA PRO A 519 31.89 5.07 -22.10
C PRO A 519 31.23 3.81 -21.56
N THR A 520 29.88 3.78 -21.48
CA THR A 520 29.10 2.63 -20.99
C THR A 520 29.31 1.40 -21.92
N VAL A 521 29.22 1.64 -23.26
CA VAL A 521 29.42 0.65 -24.33
C VAL A 521 30.85 0.10 -24.22
N ASN A 522 31.86 0.99 -24.17
CA ASN A 522 33.27 0.63 -24.00
C ASN A 522 33.54 -0.19 -22.76
N LEU A 523 32.82 0.08 -21.67
CA LEU A 523 32.96 -0.67 -20.40
C LEU A 523 32.37 -2.08 -20.51
N GLY A 524 31.10 -2.17 -20.91
CA GLY A 524 30.34 -3.41 -21.09
C GLY A 524 30.87 -4.35 -22.14
N MET A 525 31.39 -3.81 -23.27
CA MET A 525 31.97 -4.63 -24.33
C MET A 525 33.28 -5.32 -23.87
N ALA A 526 34.06 -4.61 -23.04
CA ALA A 526 35.32 -5.10 -22.49
C ALA A 526 35.03 -6.19 -21.45
N LEU A 527 34.00 -5.95 -20.62
CA LEU A 527 33.49 -6.83 -19.57
C LEU A 527 32.93 -8.11 -20.18
N GLY A 528 32.19 -7.93 -21.26
CA GLY A 528 31.49 -8.98 -22.00
C GLY A 528 30.00 -8.89 -21.74
N LEU A 529 29.17 -9.25 -22.74
CA LEU A 529 27.72 -9.27 -22.56
C LEU A 529 27.24 -10.40 -21.63
N PRO A 530 27.87 -11.62 -21.59
CA PRO A 530 27.39 -12.67 -20.68
C PRO A 530 27.55 -12.32 -19.19
N ALA A 531 28.58 -11.51 -18.84
CA ALA A 531 28.85 -11.06 -17.47
C ALA A 531 27.80 -10.02 -17.05
N VAL A 532 27.45 -9.08 -17.94
CA VAL A 532 26.45 -8.05 -17.68
C VAL A 532 25.06 -8.70 -17.63
N THR A 533 24.82 -9.73 -18.46
CA THR A 533 23.56 -10.48 -18.49
C THR A 533 23.43 -11.24 -17.16
N GLU A 534 24.55 -11.75 -16.60
CA GLU A 534 24.60 -12.48 -15.32
C GLU A 534 24.25 -11.54 -14.16
N THR A 535 24.76 -10.29 -14.17
CA THR A 535 24.44 -9.27 -13.16
C THR A 535 22.94 -9.02 -13.15
N TRP A 536 22.30 -9.02 -14.34
CA TRP A 536 20.86 -8.86 -14.49
C TRP A 536 20.09 -10.03 -13.90
N ILE A 537 20.66 -11.26 -13.98
CA ILE A 537 20.03 -12.47 -13.43
C ILE A 537 20.08 -12.39 -11.91
N LYS A 538 21.23 -11.96 -11.36
CA LYS A 538 21.49 -11.82 -9.94
C LYS A 538 20.60 -10.73 -9.33
N LEU A 539 20.46 -9.58 -10.05
CA LEU A 539 19.63 -8.43 -9.71
C LEU A 539 18.17 -8.83 -9.53
N GLY A 540 17.70 -9.78 -10.33
CA GLY A 540 16.37 -10.34 -10.23
C GLY A 540 15.39 -10.02 -11.33
N VAL A 541 15.88 -9.71 -12.55
CA VAL A 541 14.97 -9.41 -13.68
C VAL A 541 14.52 -10.71 -14.39
N PRO A 542 13.29 -10.79 -14.95
CA PRO A 542 12.90 -12.03 -15.65
C PRO A 542 13.92 -12.45 -16.73
N LYS A 543 14.46 -13.68 -16.62
CA LYS A 543 15.46 -14.26 -17.52
C LYS A 543 15.03 -14.20 -19.00
N ASP A 544 13.72 -14.46 -19.28
CA ASP A 544 13.11 -14.46 -20.62
C ASP A 544 13.03 -13.09 -21.28
N GLN A 545 13.52 -12.04 -20.61
CA GLN A 545 13.54 -10.71 -21.19
C GLN A 545 14.96 -10.37 -21.65
N LEU A 546 15.95 -11.09 -21.11
CA LEU A 546 17.35 -10.89 -21.45
C LEU A 546 17.72 -11.46 -22.83
N HIS A 547 18.16 -10.57 -23.75
CA HIS A 547 18.64 -10.84 -25.12
C HIS A 547 20.00 -10.14 -25.18
N PRO A 548 21.13 -10.88 -24.98
CA PRO A 548 22.44 -10.22 -24.89
C PRO A 548 23.07 -9.76 -26.20
N VAL A 549 22.62 -8.61 -26.68
CA VAL A 549 23.10 -7.94 -27.87
C VAL A 549 23.73 -6.61 -27.44
N PRO A 550 24.73 -6.02 -28.16
CA PRO A 550 25.34 -4.76 -27.70
C PRO A 550 24.40 -3.66 -27.21
N ALA A 551 23.18 -3.59 -27.79
CA ALA A 551 22.14 -2.61 -27.46
C ALA A 551 21.57 -2.77 -26.03
N MET A 552 21.67 -4.00 -25.45
CA MET A 552 21.20 -4.32 -24.09
C MET A 552 21.85 -3.40 -23.04
N LEU A 553 23.14 -3.02 -23.25
CA LEU A 553 23.92 -2.15 -22.37
C LEU A 553 23.33 -0.75 -22.15
N LEU A 554 22.61 -0.21 -23.17
CA LEU A 554 22.03 1.15 -23.16
C LEU A 554 20.52 1.22 -22.93
N GLY A 555 19.87 0.08 -22.75
CA GLY A 555 18.44 0.05 -22.51
C GLY A 555 17.57 -0.86 -23.35
N ALA A 556 18.18 -1.78 -24.14
CA ALA A 556 17.36 -2.71 -24.92
C ALA A 556 16.98 -3.89 -24.00
N LEU A 557 16.19 -3.56 -22.99
CA LEU A 557 15.68 -4.46 -21.96
C LEU A 557 14.35 -3.88 -21.54
N ASN A 558 13.27 -4.47 -22.05
CA ASN A 558 11.92 -3.97 -21.79
C ASN A 558 11.34 -4.63 -20.55
N LEU A 559 11.21 -3.85 -19.47
CA LEU A 559 10.69 -4.33 -18.19
C LEU A 559 9.53 -3.48 -17.71
N THR A 560 8.74 -4.03 -16.77
CA THR A 560 7.61 -3.33 -16.15
C THR A 560 8.18 -2.64 -14.90
N PRO A 561 7.58 -1.53 -14.39
CA PRO A 561 8.13 -0.86 -13.19
C PRO A 561 8.41 -1.75 -11.97
N ILE A 562 7.58 -2.80 -11.76
CA ILE A 562 7.74 -3.73 -10.64
C ILE A 562 9.03 -4.52 -10.77
N GLU A 563 9.34 -5.00 -11.98
CA GLU A 563 10.55 -5.76 -12.28
C GLU A 563 11.81 -4.94 -12.07
N VAL A 564 11.78 -3.66 -12.49
CA VAL A 564 12.84 -2.67 -12.32
C VAL A 564 13.09 -2.50 -10.80
N ALA A 565 12.01 -2.44 -9.97
CA ALA A 565 12.10 -2.29 -8.51
C ALA A 565 12.95 -3.39 -7.90
N GLN A 566 12.72 -4.65 -8.32
CA GLN A 566 13.46 -5.82 -7.87
C GLN A 566 14.94 -5.61 -8.12
N ALA A 567 15.32 -5.17 -9.33
CA ALA A 567 16.73 -4.93 -9.73
C ALA A 567 17.39 -3.88 -8.84
N PHE A 568 16.72 -2.72 -8.67
CA PHE A 568 17.24 -1.64 -7.84
C PHE A 568 17.21 -1.96 -6.35
N GLN A 569 16.24 -2.79 -5.89
CA GLN A 569 16.13 -3.26 -4.50
C GLN A 569 17.40 -4.01 -4.14
N THR A 570 17.88 -4.85 -5.09
CA THR A 570 19.08 -5.66 -4.95
C THR A 570 20.31 -4.80 -4.72
N ILE A 571 20.49 -3.72 -5.49
CA ILE A 571 21.64 -2.81 -5.30
C ILE A 571 21.52 -2.05 -3.95
N ALA A 572 20.34 -1.44 -3.69
CA ALA A 572 20.00 -0.66 -2.49
C ALA A 572 20.17 -1.39 -1.16
N SER A 573 19.88 -2.71 -1.13
CA SER A 573 20.00 -3.54 0.07
C SER A 573 21.48 -3.81 0.40
N GLY A 574 22.33 -3.56 -0.58
CA GLY A 574 23.77 -3.77 -0.47
C GLY A 574 24.21 -5.04 -1.16
N GLY A 575 23.41 -5.51 -2.12
CA GLY A 575 23.73 -6.69 -2.91
C GLY A 575 22.87 -7.92 -2.70
N ASN A 576 21.95 -7.88 -1.71
CA ASN A 576 21.05 -9.01 -1.40
C ASN A 576 19.70 -8.85 -2.12
N ARG A 577 19.31 -9.86 -2.90
CA ARG A 577 18.09 -9.89 -3.69
C ARG A 577 16.97 -10.45 -2.83
N ALA A 578 16.02 -9.59 -2.45
CA ALA A 578 14.87 -9.93 -1.63
C ALA A 578 13.63 -10.02 -2.53
N PRO A 579 13.20 -11.25 -2.94
CA PRO A 579 12.02 -11.38 -3.82
C PRO A 579 10.82 -10.57 -3.34
N LEU A 580 10.41 -9.61 -4.18
CA LEU A 580 9.30 -8.69 -3.91
C LEU A 580 8.03 -9.40 -3.46
N SER A 581 7.37 -8.83 -2.44
CA SER A 581 6.15 -9.42 -1.86
C SER A 581 5.15 -8.40 -1.37
N ALA A 582 3.87 -8.73 -1.53
CA ALA A 582 2.75 -7.94 -1.03
C ALA A 582 2.16 -8.60 0.23
N LEU A 583 2.37 -9.94 0.39
CA LEU A 583 1.87 -10.77 1.49
C LEU A 583 2.79 -10.89 2.72
N ARG A 584 2.22 -10.57 3.91
CA ARG A 584 2.88 -10.65 5.21
C ARG A 584 2.44 -11.94 5.95
N SER A 585 1.13 -12.27 5.91
CA SER A 585 0.52 -13.48 6.48
C SER A 585 -0.98 -13.58 6.17
N VAL A 586 -1.49 -14.83 6.00
CA VAL A 586 -2.92 -15.11 5.80
C VAL A 586 -3.41 -16.00 6.94
N ILE A 587 -4.38 -15.51 7.71
CA ILE A 587 -4.90 -16.21 8.89
C ILE A 587 -6.37 -16.60 8.68
N ALA A 588 -6.74 -17.81 9.13
CA ALA A 588 -8.10 -18.36 9.06
C ALA A 588 -9.00 -17.78 10.18
N GLU A 589 -10.31 -18.09 10.12
CA GLU A 589 -11.31 -17.67 11.10
C GLU A 589 -10.98 -18.22 12.50
N ASP A 590 -10.48 -19.47 12.56
CA ASP A 590 -10.09 -20.17 13.79
C ASP A 590 -8.68 -19.79 14.29
N GLY A 591 -8.08 -18.76 13.68
CA GLY A 591 -6.76 -18.25 14.01
C GLY A 591 -5.59 -19.04 13.42
N LYS A 592 -5.89 -20.07 12.62
CA LYS A 592 -4.91 -20.95 11.98
C LYS A 592 -4.09 -20.19 10.93
N VAL A 593 -2.76 -20.34 10.97
CA VAL A 593 -1.83 -19.69 10.04
C VAL A 593 -1.81 -20.50 8.74
N LEU A 594 -2.58 -20.04 7.74
CA LEU A 594 -2.68 -20.69 6.42
C LEU A 594 -1.41 -20.47 5.58
N TYR A 595 -0.81 -19.26 5.69
CA TYR A 595 0.44 -18.87 5.04
C TYR A 595 1.19 -17.82 5.89
N GLN A 596 2.53 -17.99 6.02
CA GLN A 596 3.41 -17.08 6.75
C GLN A 596 4.59 -16.67 5.86
N SER A 597 4.93 -15.37 5.86
CA SER A 597 6.04 -14.82 5.06
C SER A 597 7.35 -14.85 5.82
N PHE A 598 8.40 -15.35 5.16
CA PHE A 598 9.74 -15.43 5.74
C PHE A 598 10.79 -14.86 4.74
N PRO A 599 11.91 -14.24 5.22
CA PRO A 599 12.91 -13.69 4.29
C PRO A 599 13.60 -14.73 3.41
N GLN A 600 13.68 -14.44 2.12
CA GLN A 600 14.30 -15.29 1.11
C GLN A 600 15.46 -14.51 0.43
N ALA A 601 16.05 -13.54 1.18
CA ALA A 601 17.15 -12.70 0.72
C ALA A 601 18.39 -13.52 0.39
N GLU A 602 18.90 -13.37 -0.84
CA GLU A 602 20.06 -14.08 -1.36
C GLU A 602 21.12 -13.13 -1.89
N ARG A 603 22.36 -13.31 -1.45
CA ARG A 603 23.52 -12.52 -1.86
C ARG A 603 23.68 -12.67 -3.37
N ALA A 604 23.46 -11.55 -4.10
CA ALA A 604 23.51 -11.54 -5.55
C ALA A 604 24.80 -10.92 -6.05
N VAL A 605 25.13 -9.71 -5.58
CA VAL A 605 26.37 -9.02 -5.95
C VAL A 605 27.23 -8.72 -4.68
N PRO A 606 28.56 -8.46 -4.76
CA PRO A 606 29.30 -8.16 -3.51
C PRO A 606 28.85 -6.83 -2.93
N ALA A 607 28.81 -6.73 -1.59
CA ALA A 607 28.39 -5.53 -0.88
C ALA A 607 29.18 -4.31 -1.30
N GLN A 608 30.52 -4.46 -1.39
CA GLN A 608 31.48 -3.41 -1.78
C GLN A 608 31.16 -2.87 -3.16
N ALA A 609 30.81 -3.76 -4.11
CA ALA A 609 30.41 -3.40 -5.46
C ALA A 609 29.07 -2.64 -5.43
N ALA A 610 28.13 -3.07 -4.58
CA ALA A 610 26.83 -2.41 -4.41
C ALA A 610 27.01 -1.03 -3.78
N TYR A 611 27.90 -0.91 -2.79
CA TYR A 611 28.19 0.36 -2.13
C TYR A 611 28.74 1.42 -3.11
N LEU A 612 29.69 1.02 -3.97
CA LEU A 612 30.34 1.88 -4.95
C LEU A 612 29.38 2.34 -6.06
N THR A 613 28.42 1.50 -6.42
CA THR A 613 27.41 1.82 -7.44
C THR A 613 26.48 2.88 -6.87
N LEU A 614 26.01 2.67 -5.63
CA LEU A 614 25.15 3.58 -4.89
C LEU A 614 25.87 4.89 -4.57
N TRP A 615 27.15 4.84 -4.22
CA TRP A 615 27.91 6.06 -3.94
C TRP A 615 27.92 6.96 -5.21
N THR A 616 28.12 6.33 -6.39
CA THR A 616 28.10 6.99 -7.70
C THR A 616 26.66 7.44 -7.97
N MET A 617 25.66 6.62 -7.55
CA MET A 617 24.24 6.95 -7.71
C MET A 617 23.82 8.15 -6.86
N GLN A 618 24.64 8.50 -5.86
CA GLN A 618 24.43 9.68 -5.04
C GLN A 618 25.07 10.87 -5.76
N GLN A 619 26.16 10.60 -6.50
CA GLN A 619 26.85 11.59 -7.36
C GLN A 619 25.92 12.03 -8.48
N VAL A 620 25.11 11.07 -9.00
CA VAL A 620 24.10 11.30 -10.06
C VAL A 620 23.17 12.40 -9.60
N VAL A 621 22.54 12.19 -8.43
CA VAL A 621 21.59 13.10 -7.78
C VAL A 621 22.27 14.41 -7.30
N GLN A 622 23.50 14.34 -6.75
CA GLN A 622 24.23 15.54 -6.28
C GLN A 622 24.75 16.47 -7.43
N ARG A 623 25.53 15.94 -8.39
CA ARG A 623 26.09 16.77 -9.47
C ARG A 623 25.72 16.36 -10.91
N GLY A 624 25.32 15.10 -11.09
CA GLY A 624 24.99 14.53 -12.38
C GLY A 624 23.62 14.84 -12.91
N THR A 625 23.05 13.93 -13.72
CA THR A 625 21.75 14.08 -14.38
C THR A 625 20.57 14.39 -13.45
N GLY A 626 20.61 13.88 -12.22
CA GLY A 626 19.55 14.15 -11.24
C GLY A 626 19.87 15.25 -10.25
N ARG A 627 20.76 16.21 -10.62
CA ARG A 627 21.18 17.33 -9.76
C ARG A 627 20.04 18.27 -9.28
N GLN A 628 18.92 18.32 -10.04
CA GLN A 628 17.73 19.10 -9.72
C GLN A 628 17.08 18.60 -8.42
N LEU A 629 17.09 17.27 -8.19
CA LEU A 629 16.57 16.60 -6.99
C LEU A 629 17.54 16.78 -5.83
N GLY A 630 18.84 16.69 -6.13
CA GLY A 630 19.91 16.81 -5.14
C GLY A 630 19.96 18.17 -4.50
N ALA A 631 19.53 19.21 -5.24
CA ALA A 631 19.48 20.60 -4.80
C ALA A 631 18.22 20.85 -4.00
N LYS A 632 17.12 20.16 -4.36
CA LYS A 632 15.83 20.27 -3.68
C LYS A 632 15.88 19.57 -2.33
N TYR A 633 16.51 18.38 -2.25
CA TYR A 633 16.68 17.61 -1.01
C TYR A 633 18.16 17.25 -0.72
N PRO A 634 19.03 18.26 -0.39
CA PRO A 634 20.45 17.95 -0.15
C PRO A 634 20.81 17.16 1.08
N ASN A 635 19.97 17.20 2.12
CA ASN A 635 20.19 16.49 3.38
C ASN A 635 19.66 15.04 3.34
N LEU A 636 19.05 14.65 2.20
CA LEU A 636 18.50 13.31 2.02
C LEU A 636 19.53 12.31 1.44
N HIS A 637 20.64 12.85 0.87
CA HIS A 637 21.75 12.12 0.23
C HIS A 637 21.27 10.90 -0.56
N LEU A 638 20.26 11.13 -1.38
CA LEU A 638 19.58 10.15 -2.22
C LEU A 638 20.47 9.64 -3.31
N ALA A 639 20.37 8.32 -3.53
CA ALA A 639 21.01 7.60 -4.63
C ALA A 639 19.91 7.52 -5.69
N GLY A 640 20.27 7.64 -6.95
CA GLY A 640 19.28 7.61 -8.02
C GLY A 640 19.86 7.54 -9.42
N LYS A 641 19.03 7.18 -10.39
CA LYS A 641 19.42 7.09 -11.80
C LYS A 641 18.25 7.51 -12.70
N THR A 642 18.53 8.34 -13.68
CA THR A 642 17.52 8.84 -14.61
C THR A 642 17.56 8.05 -15.90
N GLY A 643 16.40 7.88 -16.52
CA GLY A 643 16.28 7.18 -17.79
C GLY A 643 15.35 7.89 -18.75
N THR A 644 15.81 8.11 -19.99
CA THR A 644 15.06 8.70 -21.09
C THR A 644 15.25 7.80 -22.31
N THR A 645 14.16 7.36 -22.96
CA THR A 645 14.34 6.50 -24.14
C THR A 645 14.40 7.31 -25.43
N ASN A 646 14.85 6.69 -26.55
CA ASN A 646 14.95 7.31 -27.87
C ASN A 646 13.65 7.99 -28.21
N ASN A 647 13.75 9.23 -28.70
CA ASN A 647 12.65 10.13 -29.09
C ASN A 647 11.71 10.48 -27.92
N ASN A 648 12.26 10.52 -26.68
CA ASN A 648 11.57 10.86 -25.43
C ASN A 648 10.31 10.00 -25.11
N VAL A 649 10.26 8.78 -25.65
CA VAL A 649 9.14 7.84 -25.48
C VAL A 649 8.85 7.49 -23.99
N ASP A 650 9.89 7.09 -23.22
CA ASP A 650 9.80 6.75 -21.79
C ASP A 650 10.70 7.61 -20.95
N THR A 651 10.24 7.91 -19.72
CA THR A 651 11.00 8.65 -18.72
C THR A 651 10.95 7.80 -17.48
N TRP A 652 12.09 7.62 -16.86
CA TRP A 652 12.25 6.77 -15.71
C TRP A 652 13.06 7.44 -14.63
N PHE A 653 12.83 7.02 -13.37
CA PHE A 653 13.62 7.44 -12.23
C PHE A 653 13.61 6.37 -11.16
N ALA A 654 14.80 6.01 -10.69
CA ALA A 654 14.99 5.05 -9.62
C ALA A 654 15.49 5.88 -8.46
N GLY A 655 14.66 5.99 -7.43
CA GLY A 655 14.94 6.78 -6.24
C GLY A 655 15.17 5.93 -5.00
N ILE A 656 16.36 6.07 -4.41
CA ILE A 656 16.72 5.33 -3.22
C ILE A 656 16.95 6.30 -2.06
N ASP A 657 16.24 6.09 -0.94
CA ASP A 657 16.39 6.84 0.30
C ASP A 657 16.83 5.86 1.40
N GLY A 658 16.66 6.24 2.66
CA GLY A 658 17.10 5.41 3.78
C GLY A 658 16.39 4.07 3.92
N SER A 659 15.08 4.03 3.57
CA SER A 659 14.30 2.81 3.73
C SER A 659 13.57 2.28 2.50
N THR A 660 13.35 3.11 1.46
CA THR A 660 12.62 2.63 0.29
C THR A 660 13.35 2.78 -1.05
N VAL A 661 12.84 2.04 -2.06
CA VAL A 661 13.27 2.08 -3.46
C VAL A 661 12.02 2.49 -4.26
N THR A 662 12.04 3.67 -4.87
CA THR A 662 10.90 4.13 -5.65
C THR A 662 11.25 4.13 -7.13
N ILE A 663 10.47 3.38 -7.91
CA ILE A 663 10.64 3.28 -9.36
C ILE A 663 9.47 4.02 -9.95
N THR A 664 9.77 5.05 -10.69
CA THR A 664 8.75 5.86 -11.32
C THR A 664 9.00 5.99 -12.81
N TRP A 665 7.98 5.64 -13.59
CA TRP A 665 7.94 5.71 -15.05
C TRP A 665 6.86 6.73 -15.41
N VAL A 666 7.13 7.58 -16.40
CA VAL A 666 6.20 8.58 -16.94
C VAL A 666 6.32 8.51 -18.47
N GLY A 667 5.26 8.04 -19.11
CA GLY A 667 5.19 7.88 -20.56
C GLY A 667 3.77 7.86 -21.09
N ARG A 668 3.61 7.56 -22.39
CA ARG A 668 2.31 7.50 -23.05
C ARG A 668 2.00 6.11 -23.57
N ASP A 669 0.74 5.64 -23.39
CA ASP A 669 0.24 4.31 -23.79
C ASP A 669 0.39 4.04 -25.30
N ASN A 670 0.28 5.10 -26.12
CA ASN A 670 0.39 5.06 -27.58
C ASN A 670 1.84 5.12 -28.07
N ASN A 671 2.82 5.17 -27.14
CA ASN A 671 4.28 5.21 -27.38
C ASN A 671 4.77 6.47 -28.14
N GLN A 672 4.05 7.60 -28.00
CA GLN A 672 4.44 8.84 -28.67
C GLN A 672 5.45 9.63 -27.81
N PRO A 673 6.26 10.57 -28.39
CA PRO A 673 7.20 11.35 -27.56
C PRO A 673 6.50 12.13 -26.45
N THR A 674 7.10 12.14 -25.25
CA THR A 674 6.52 12.81 -24.09
C THR A 674 6.98 14.25 -23.99
N LYS A 675 8.12 14.59 -24.63
CA LYS A 675 8.79 15.91 -24.58
C LYS A 675 9.46 16.07 -23.20
N LEU A 676 9.46 14.99 -22.41
CA LEU A 676 10.03 14.94 -21.06
C LEU A 676 11.32 14.13 -21.07
N TYR A 677 12.15 14.32 -20.04
CA TYR A 677 13.38 13.58 -19.77
C TYR A 677 13.20 12.89 -18.42
N GLY A 678 14.20 12.11 -17.98
CA GLY A 678 14.15 11.46 -16.68
C GLY A 678 13.95 12.46 -15.55
N ALA A 679 14.77 13.53 -15.56
CA ALA A 679 14.76 14.62 -14.58
C ALA A 679 13.51 15.55 -14.63
N SER A 680 12.91 15.72 -15.83
CA SER A 680 11.74 16.56 -16.04
C SER A 680 10.41 15.84 -15.83
N GLY A 681 10.35 14.56 -16.22
CA GLY A 681 9.14 13.76 -16.13
C GLY A 681 9.05 12.93 -14.87
N ALA A 682 9.62 11.71 -14.93
CA ALA A 682 9.62 10.76 -13.81
C ALA A 682 10.27 11.25 -12.54
N MET A 683 11.35 12.05 -12.61
CA MET A 683 11.97 12.56 -11.39
C MET A 683 11.13 13.62 -10.71
N SER A 684 10.35 14.38 -11.48
CA SER A 684 9.45 15.41 -10.98
C SER A 684 8.30 14.82 -10.15
N ILE A 685 7.75 13.65 -10.59
CA ILE A 685 6.69 12.91 -9.90
C ILE A 685 7.29 12.37 -8.59
N TYR A 686 8.58 11.95 -8.63
CA TYR A 686 9.29 11.46 -7.45
C TYR A 686 9.53 12.59 -6.45
N GLN A 687 9.86 13.82 -6.94
CA GLN A 687 10.06 15.01 -6.12
C GLN A 687 8.77 15.28 -5.35
N ARG A 688 7.61 15.24 -6.06
CA ARG A 688 6.26 15.39 -5.53
C ARG A 688 5.97 14.32 -4.49
N TYR A 689 6.32 13.05 -4.78
CA TYR A 689 6.16 11.93 -3.85
C TYR A 689 6.96 12.20 -2.56
N LEU A 690 8.22 12.66 -2.70
CA LEU A 690 9.12 12.98 -1.59
C LEU A 690 8.58 14.09 -0.70
N ALA A 691 7.97 15.11 -1.32
CA ALA A 691 7.39 16.28 -0.67
C ALA A 691 6.11 15.90 0.08
N ASN A 692 5.31 14.98 -0.48
CA ASN A 692 4.05 14.53 0.12
C ASN A 692 4.22 13.64 1.36
N GLN A 693 5.47 13.47 1.83
CA GLN A 693 5.80 12.62 2.97
C GLN A 693 7.12 13.06 3.68
N THR A 694 7.58 12.26 4.66
CA THR A 694 8.81 12.52 5.39
C THR A 694 9.83 11.42 5.00
N PRO A 695 10.61 11.64 3.91
CA PRO A 695 11.55 10.59 3.47
C PRO A 695 12.72 10.42 4.40
N THR A 696 13.29 9.21 4.38
CA THR A 696 14.44 8.84 5.21
C THR A 696 15.75 9.27 4.55
N PRO A 697 16.62 10.05 5.25
CA PRO A 697 17.92 10.42 4.65
C PRO A 697 18.75 9.18 4.45
N LEU A 698 19.42 9.06 3.31
CA LEU A 698 20.25 7.90 3.03
C LEU A 698 21.61 8.04 3.66
N ASN A 699 21.87 7.20 4.68
CA ASN A 699 23.14 7.10 5.36
C ASN A 699 23.81 5.81 4.85
N LEU A 700 24.57 5.95 3.76
CA LEU A 700 25.27 4.87 3.11
C LEU A 700 26.45 4.43 3.98
N VAL A 701 26.19 3.46 4.87
CA VAL A 701 27.15 2.86 5.81
C VAL A 701 28.10 1.96 4.99
N PRO A 702 29.39 2.32 4.89
CA PRO A 702 30.31 1.51 4.08
C PRO A 702 30.57 0.11 4.63
N PRO A 703 30.48 -0.97 3.81
CA PRO A 703 30.84 -2.30 4.32
C PRO A 703 32.36 -2.41 4.57
N GLU A 704 32.86 -3.61 4.90
CA GLU A 704 34.29 -3.82 5.14
C GLU A 704 35.07 -3.69 3.83
N ASP A 705 36.37 -3.35 3.91
CA ASP A 705 37.26 -3.14 2.76
C ASP A 705 37.01 -1.88 1.92
N ILE A 706 36.18 -0.95 2.43
CA ILE A 706 35.93 0.33 1.78
C ILE A 706 36.86 1.36 2.42
N ALA A 707 37.67 2.03 1.59
CA ALA A 707 38.64 3.02 2.05
C ALA A 707 38.67 4.26 1.15
N ASP A 708 38.39 5.45 1.73
CA ASP A 708 38.41 6.71 0.97
C ASP A 708 39.85 7.07 0.62
N MET A 709 40.14 7.14 -0.70
CA MET A 709 41.48 7.38 -1.24
C MET A 709 41.61 8.66 -2.04
N GLY A 710 42.78 9.28 -1.92
CA GLY A 710 43.14 10.49 -2.64
C GLY A 710 43.54 10.18 -4.07
N VAL A 711 43.08 11.01 -5.01
CA VAL A 711 43.31 10.86 -6.44
C VAL A 711 43.78 12.20 -7.02
N ASP A 712 44.82 12.19 -7.87
CA ASP A 712 45.29 13.40 -8.55
C ASP A 712 44.41 13.73 -9.78
N TYR A 713 44.77 14.78 -10.56
CA TYR A 713 44.03 15.19 -11.75
C TYR A 713 44.11 14.09 -12.81
N ASP A 714 45.28 13.43 -12.88
CA ASP A 714 45.57 12.33 -13.80
C ASP A 714 44.83 11.02 -13.50
N GLY A 715 44.23 10.93 -12.32
CA GLY A 715 43.49 9.74 -11.89
C GLY A 715 44.30 8.75 -11.08
N ASN A 716 45.54 9.11 -10.72
CA ASN A 716 46.45 8.27 -9.96
C ASN A 716 46.29 8.43 -8.46
N PHE A 717 46.37 7.31 -7.72
CA PHE A 717 46.26 7.30 -6.27
C PHE A 717 47.50 7.94 -5.65
N VAL A 718 47.28 8.71 -4.57
CA VAL A 718 48.34 9.39 -3.82
C VAL A 718 48.21 8.99 -2.35
N CYS A 719 49.35 9.00 -1.62
CA CYS A 719 49.45 8.68 -0.20
C CYS A 719 48.69 9.67 0.69
N SER A 720 48.88 10.98 0.43
CA SER A 720 48.27 12.09 1.17
C SER A 720 47.78 13.17 0.21
N GLY A 721 46.72 13.87 0.62
CA GLY A 721 46.10 14.92 -0.17
C GLY A 721 45.21 14.33 -1.25
N GLY A 722 45.49 14.71 -2.49
CA GLY A 722 44.71 14.29 -3.64
C GLY A 722 43.64 15.32 -3.89
N MET A 723 43.33 15.57 -5.16
CA MET A 723 42.35 16.58 -5.56
C MET A 723 40.92 16.03 -5.57
N ARG A 724 40.79 14.71 -5.43
CA ARG A 724 39.54 13.96 -5.41
C ARG A 724 39.67 12.85 -4.40
N ILE A 725 38.57 12.61 -3.68
CA ILE A 725 38.47 11.56 -2.68
C ILE A 725 37.40 10.61 -3.17
N LEU A 726 37.77 9.34 -3.39
CA LEU A 726 36.87 8.30 -3.89
C LEU A 726 36.95 7.03 -3.04
N PRO A 727 35.79 6.39 -2.72
CA PRO A 727 35.84 5.12 -1.98
C PRO A 727 36.40 3.99 -2.89
N VAL A 728 37.29 3.16 -2.31
CA VAL A 728 37.98 2.08 -3.01
C VAL A 728 37.85 0.80 -2.21
N TRP A 729 37.72 -0.34 -2.91
CA TRP A 729 37.63 -1.67 -2.34
C TRP A 729 39.06 -2.23 -2.19
N THR A 730 39.64 -2.07 -0.99
CA THR A 730 40.99 -2.54 -0.59
C THR A 730 41.03 -2.84 0.90
N SER A 731 41.64 -3.97 1.27
CA SER A 731 41.87 -4.36 2.66
C SER A 731 43.06 -3.52 3.18
N ASP A 732 44.03 -3.25 2.28
CA ASP A 732 45.20 -2.44 2.54
C ASP A 732 45.30 -1.34 1.47
N PRO A 733 44.93 -0.08 1.79
CA PRO A 733 45.03 1.00 0.78
C PRO A 733 46.49 1.35 0.46
N GLN A 734 47.24 0.34 -0.01
CA GLN A 734 48.65 0.42 -0.42
C GLN A 734 48.77 0.34 -1.94
N SER A 735 47.64 0.64 -2.62
CA SER A 735 47.53 0.76 -4.06
C SER A 735 48.26 2.05 -4.46
N LEU A 736 48.32 3.03 -3.52
CA LEU A 736 48.99 4.31 -3.69
C LEU A 736 50.50 4.15 -3.78
N CYS A 737 51.10 3.22 -3.00
CA CYS A 737 52.54 2.94 -3.02
C CYS A 737 52.96 2.33 -4.36
N GLN A 738 52.09 1.48 -4.93
CA GLN A 738 52.30 0.84 -6.23
C GLN A 738 52.17 1.90 -7.33
N GLN A 739 51.27 2.88 -7.12
CA GLN A 739 51.00 3.98 -8.05
C GLN A 739 52.10 5.05 -8.00
N SER A 740 52.71 5.26 -6.81
CA SER A 740 53.78 6.23 -6.58
C SER A 740 55.14 5.64 -6.95
C8 AIX B . 19.62 12.12 -25.81
C5 AIX B . 18.42 10.17 -25.29
C6 AIX B . 20.23 11.13 -20.92
N1 AIX B . 19.20 8.34 -22.89
C2 AIX B . 18.91 10.57 -18.83
N3 AIX B . 20.45 9.18 -19.95
C4 AIX B . 18.44 8.73 -25.11
C1 AIX B . 21.16 11.89 -20.02
C3 AIX B . 19.47 8.34 -24.16
C7 AIX B . 19.58 10.77 -25.65
C9 AIX B . 18.48 12.85 -25.62
C10 AIX B . 17.31 12.22 -25.27
C11 AIX B . 17.29 10.87 -25.11
C12 AIX B . 19.45 10.13 -20.11
C13 AIX B . 20.98 8.71 -21.19
C14 AIX B . 20.05 7.74 -21.91
C15 AIX B . 19.20 6.98 -20.95
C16 AIX B . 19.37 12.09 -21.68
N2 AIX B . 18.89 8.18 -26.35
O1 AIX B . 17.76 10.99 -18.80
O2 AIX B . 19.63 10.45 -17.88
O3 AIX B . 20.50 7.98 -24.62
O4 AIX B . 18.00 7.12 -20.77
S1 AIX B . 21.16 10.21 -22.05
H8 AIX B . 20.53 12.61 -26.10
HN1 AIX B . 18.30 8.67 -22.58
HN3 AIX B . 20.78 8.85 -19.05
H4 AIX B . 17.46 8.35 -24.83
H1 AIX B . 21.31 11.36 -19.13
H1A AIX B . 20.73 12.83 -19.81
H1B AIX B . 22.08 12.02 -20.53
H7 AIX B . 20.48 10.17 -25.79
H9 AIX B . 18.50 13.92 -25.76
H10 AIX B . 16.41 12.81 -25.12
H11 AIX B . 16.37 10.38 -24.83
H12 AIX B . 18.65 9.72 -20.73
H13 AIX B . 21.95 8.24 -21.04
H14 AIX B . 20.67 7.00 -22.44
H16 AIX B . 18.99 12.83 -21.02
H16A AIX B . 18.57 11.56 -22.13
H16B AIX B . 19.95 12.56 -22.43
HN2 AIX B . 19.77 8.49 -26.73
HN2A AIX B . 18.33 7.49 -26.82
ODF M0E C . -43.57 -9.11 4.20
CDG M0E C . -43.58 -8.01 3.65
CDH M0E C . -44.06 -6.85 4.76
ODI M0E C . -44.42 -5.81 4.37
ODJ M0E C . -44.04 -7.10 6.02
CDK M0E C . -42.30 -7.75 3.23
OBF M0E C . -42.36 -6.75 2.27
PBI M0E C . -41.15 -5.60 2.22
OBB M0E C . -41.50 -4.57 1.25
OAZ M0E C . -39.81 -6.26 1.79
OBG M0E C . -40.96 -4.88 3.76
CAX M0E C . -40.86 -3.22 3.92
OBE M0E C . -42.10 -2.69 4.46
CAQ M0E C . -42.32 -3.15 5.83
CAW M0E C . -43.68 -2.75 6.31
OBD M0E C . -43.99 -1.52 6.45
NAU M0E C . -44.72 -3.89 6.67
CAO M0E C . -41.20 -2.90 6.81
OBA M0E C . -41.49 -3.23 8.18
CAS M0E C . -41.19 -1.39 6.64
CAP M0E C . -39.90 -3.22 6.14
OBH M0E C . -38.74 -2.69 6.97
CAV M0E C . -38.25 -3.88 7.96
OBC M0E C . -37.64 -3.68 8.98
NAT M0E C . -38.45 -5.33 7.84
CAR M0E C . -39.68 -2.93 4.78
O1 M0E C . -38.48 -3.99 4.40
C1 M0E C . -37.64 -3.42 3.92
C2 M0E C . -36.33 -4.26 3.96
C3 M0E C . -35.27 -3.67 3.04
O3 M0E C . -34.22 -4.64 2.89
N2 M0E C . -35.82 -4.21 5.35
CAG M0E C . -35.53 -5.35 6.18
CAH M0E C . -34.97 -5.08 7.70
OAN M0E C . -35.68 -6.51 5.84
O5 M0E C . -38.12 -3.17 2.58
C5 M0E C . -37.05 -2.50 1.74
C6 M0E C . -37.59 -2.40 0.42
O6 M0E C . -39.09 -2.08 0.46
CBJ M0E C . -39.38 -0.71 0.07
OBS M0E C . -40.26 -0.11 1.07
CBN M0E C . -40.68 1.24 0.69
CBO M0E C . -41.66 1.76 1.70
OBT M0E C . -42.05 0.68 2.58
CBM M0E C . -41.33 1.28 -0.72
OBR M0E C . -41.52 2.49 -1.05
CBL M0E C . -40.46 0.62 -1.75
OBQ M0E C . -41.18 0.53 -2.97
CBK M0E C . -40.04 -0.69 -1.39
OBP M0E C . -39.06 -1.17 -2.35
C4 M0E C . -35.80 -3.34 1.68
O4 M0E C . -34.82 -2.55 0.93
CBU M0E C . -34.50 -3.21 -0.21
CBV M0E C . -33.94 -2.27 -1.32
CBW M0E C . -33.48 -3.01 -2.52
OCD M0E C . -32.69 -2.00 -3.46
NCC M0E C . -35.06 -1.28 -1.72
CCA M0E C . -35.30 -0.13 -0.79
CCB M0E C . -36.38 0.92 -1.08
OCG M0E C . -34.58 -0.06 0.23
OCF M0E C . -33.56 -4.29 0.12
CBY M0E C . -33.22 -5.03 -1.09
CBZ M0E C . -32.21 -6.22 -0.72
CBX M0E C . -32.59 -4.12 -2.18
OCE M0E C . -32.39 -4.93 -3.43
CCH M0E C . -31.18 -4.59 -4.02
OCP M0E C . -31.22 -3.27 -4.44
CCI M0E C . -30.85 -5.60 -5.20
OCN M0E C . -30.70 -6.96 -4.65
CCJ M0E C . -29.63 -5.23 -5.94
OCO M0E C . -29.54 -6.11 -7.14
CCK M0E C . -29.69 -3.86 -6.39
OCR M0E C . -30.64 -3.70 -7.42
CCL M0E C . -29.99 -2.85 -5.21
CCM M0E C . -30.14 -1.53 -5.67
OCQ M0E C . -31.19 -0.99 -5.58
NCS M0E C . -29.13 -0.89 -6.22
#